data_5ZK4
#
_entry.id   5ZK4
#
_cell.length_a   90.324
_cell.length_b   96.629
_cell.length_c   99.056
_cell.angle_alpha   90.00
_cell.angle_beta   90.00
_cell.angle_gamma   90.00
#
_symmetry.space_group_name_H-M   'P 21 21 21'
#
loop_
_entity.id
_entity.type
_entity.pdbx_description
1 polymer 'DisD protein'
2 polymer 'DisA protein'
3 non-polymer 'SULFATE ION'
4 non-polymer N-[2-(acetylamino)ethyl]-N~3~-[(2R)-2-hydroxy-3,3-dimethyl-4-(phosphonooxy)butanoyl]-beta-alaninamide
5 water water
#
loop_
_entity_poly.entity_id
_entity_poly.type
_entity_poly.pdbx_seq_one_letter_code
_entity_poly.pdbx_strand_id
1 'polypeptide(L)'
;MNHKVHHHHHHIEGRHMKAYMFPGQGSQAKGMGRALFDAFPALTARADGVLGYSIRALCQDDPDQRLSQTQFTQPALYVV
NALSYLKRREEEAPPDFLAGHCLGEFSALFAAGVFDFETGLALVKKRGELMGDARGGGMAAVIGLDEERVRELLDQNGAT
AVDIANLNSPSQVVISGAKDEIARLQVPFEAAGAKKYTVLRVSAAFHSRFMRPAMVEFGRFLEGYDFAPPKIPVISNVTA
RPCKADGIRAALSEQIASPVRWCESIRYLMGRGVEEFVECGHGIVLTGLYAQIRRDAQPLVV
;
A,B
2 'polypeptide(L)'
;GSHMPAGAGQDGRRIARIEEDLRRLVSARIEAPSQAVDAEESFFSLGVDSVALQEITETLERTYGSLPPTLLFENPNIRQ
LARYLAERVPARSA
;
C,D
#
# COMPACT_ATOMS: atom_id res chain seq x y z
N ARG A 15 -10.04 2.92 -3.92
CA ARG A 15 -9.18 3.84 -4.70
C ARG A 15 -8.07 4.56 -3.83
N HIS A 16 -6.81 4.30 -4.17
CA HIS A 16 -5.64 4.76 -3.42
C HIS A 16 -4.66 5.30 -4.40
N MET A 17 -3.70 6.07 -3.92
CA MET A 17 -2.66 6.52 -4.82
C MET A 17 -1.78 5.31 -5.15
N LYS A 18 -1.52 5.08 -6.42
CA LYS A 18 -0.81 3.86 -6.85
C LYS A 18 0.20 4.05 -7.92
N ALA A 19 1.16 3.12 -7.87
CA ALA A 19 2.17 3.04 -8.92
C ALA A 19 2.27 1.64 -9.50
N TYR A 20 2.45 1.55 -10.81
CA TYR A 20 2.77 0.31 -11.44
C TYR A 20 4.24 0.22 -11.75
N MET A 21 4.75 -0.96 -11.47
CA MET A 21 6.16 -1.27 -11.63
C MET A 21 6.32 -2.44 -12.66
N PHE A 22 7.16 -2.25 -13.68
CA PHE A 22 7.31 -3.22 -14.75
C PHE A 22 8.74 -3.82 -14.70
N PRO A 23 8.87 -5.16 -14.62
CA PRO A 23 10.22 -5.83 -14.56
C PRO A 23 11.04 -5.86 -15.88
N GLY A 24 12.30 -6.18 -15.75
CA GLY A 24 13.21 -6.14 -16.87
C GLY A 24 14.01 -7.42 -16.91
N GLN A 25 15.12 -7.38 -17.62
CA GLN A 25 15.99 -8.56 -17.80
C GLN A 25 16.40 -9.20 -16.49
N GLY A 26 16.25 -10.53 -16.44
CA GLY A 26 16.48 -11.26 -15.22
C GLY A 26 15.17 -11.75 -14.65
N SER A 27 14.03 -11.12 -14.98
CA SER A 27 12.75 -11.61 -14.49
C SER A 27 12.05 -12.64 -15.37
N GLN A 28 12.49 -12.81 -16.63
CA GLN A 28 11.77 -13.68 -17.57
C GLN A 28 11.83 -15.12 -17.13
N ALA A 29 10.91 -15.95 -17.60
CA ALA A 29 10.89 -17.43 -17.35
C ALA A 29 10.07 -18.16 -18.45
N LYS A 30 10.52 -19.37 -18.81
CA LYS A 30 9.76 -20.25 -19.67
C LYS A 30 8.33 -20.36 -19.15
N GLY A 31 7.34 -20.11 -20.00
CA GLY A 31 5.95 -20.19 -19.54
C GLY A 31 5.31 -18.85 -19.25
N MET A 32 6.10 -17.79 -19.20
CA MET A 32 5.56 -16.45 -18.89
C MET A 32 4.54 -16.10 -19.97
N GLY A 33 3.51 -15.42 -19.55
CA GLY A 33 2.48 -14.89 -20.40
C GLY A 33 1.37 -15.75 -20.95
N ARG A 34 1.33 -17.02 -20.57
CA ARG A 34 0.32 -17.96 -21.15
C ARG A 34 -1.17 -17.50 -21.15
N ALA A 35 -1.75 -17.18 -19.99
CA ALA A 35 -3.14 -16.82 -19.94
C ALA A 35 -3.30 -15.47 -20.67
N LEU A 36 -2.26 -14.64 -20.65
CA LEU A 36 -2.34 -13.31 -21.31
C LEU A 36 -2.46 -13.50 -22.82
N PHE A 37 -1.73 -14.43 -23.40
CA PHE A 37 -1.83 -14.58 -24.86
C PHE A 37 -3.21 -15.05 -25.28
N ASP A 38 -3.82 -15.90 -24.49
CA ASP A 38 -5.13 -16.40 -24.75
C ASP A 38 -6.10 -15.28 -24.58
N ALA A 39 -5.89 -14.42 -23.60
CA ALA A 39 -6.83 -13.34 -23.38
C ALA A 39 -6.67 -12.22 -24.39
N PHE A 40 -5.51 -12.09 -25.06
CA PHE A 40 -5.29 -11.01 -26.06
C PHE A 40 -4.81 -11.51 -27.43
N PRO A 41 -5.66 -12.33 -28.11
CA PRO A 41 -5.20 -12.89 -29.38
C PRO A 41 -4.83 -11.79 -30.37
N ALA A 42 -5.60 -10.69 -30.39
CA ALA A 42 -5.36 -9.68 -31.42
C ALA A 42 -3.98 -8.97 -31.23
N LEU A 43 -3.65 -8.56 -30.01
CA LEU A 43 -2.37 -7.93 -29.78
C LEU A 43 -1.23 -8.92 -29.94
N THR A 44 -1.43 -10.20 -29.58
CA THR A 44 -0.41 -11.23 -29.80
C THR A 44 -0.07 -11.33 -31.28
N ALA A 45 -1.09 -11.34 -32.13
CA ALA A 45 -0.87 -11.36 -33.58
C ALA A 45 -0.07 -10.13 -34.10
N ARG A 46 -0.43 -8.94 -33.59
CA ARG A 46 0.25 -7.68 -33.98
C ARG A 46 1.75 -7.79 -33.51
N ALA A 47 1.97 -8.28 -32.30
CA ALA A 47 3.39 -8.52 -31.83
C ALA A 47 4.18 -9.41 -32.77
N ASP A 48 3.59 -10.55 -33.10
CA ASP A 48 4.16 -11.52 -34.12
C ASP A 48 4.47 -10.87 -35.45
N GLY A 49 3.68 -9.86 -35.81
CA GLY A 49 3.89 -9.07 -37.07
C GLY A 49 5.08 -8.15 -36.93
N VAL A 50 5.26 -7.55 -35.76
CA VAL A 50 6.51 -6.73 -35.61
C VAL A 50 7.72 -7.60 -35.54
N LEU A 51 7.63 -8.74 -34.88
CA LEU A 51 8.85 -9.50 -34.56
C LEU A 51 9.30 -10.44 -35.68
N GLY A 52 8.38 -10.91 -36.52
CA GLY A 52 8.71 -11.93 -37.49
C GLY A 52 8.82 -13.35 -37.00
N TYR A 53 8.32 -13.63 -35.81
CA TYR A 53 8.30 -14.99 -35.25
C TYR A 53 7.16 -14.99 -34.22
N SER A 54 6.87 -16.14 -33.62
CA SER A 54 5.79 -16.24 -32.64
C SER A 54 6.23 -15.88 -31.20
N ILE A 55 5.61 -14.81 -30.63
CA ILE A 55 5.98 -14.43 -29.28
C ILE A 55 5.52 -15.52 -28.30
N ARG A 56 4.40 -16.13 -28.62
CA ARG A 56 3.86 -17.19 -27.79
C ARG A 56 4.75 -18.44 -27.73
N ALA A 57 5.28 -18.86 -28.88
CA ALA A 57 6.17 -19.97 -28.93
C ALA A 57 7.45 -19.64 -28.17
N LEU A 58 7.97 -18.43 -28.33
CA LEU A 58 9.22 -18.04 -27.64
C LEU A 58 8.99 -18.13 -26.10
N CYS A 59 7.90 -17.50 -25.64
CA CYS A 59 7.63 -17.42 -24.20
C CYS A 59 7.24 -18.76 -23.60
N GLN A 60 6.32 -19.50 -24.25
CA GLN A 60 5.86 -20.78 -23.72
C GLN A 60 6.83 -21.97 -23.93
N ASP A 61 7.45 -22.15 -25.11
CA ASP A 61 8.40 -23.29 -25.34
C ASP A 61 9.87 -22.95 -25.20
N ASP A 62 10.26 -21.69 -25.13
CA ASP A 62 11.68 -21.30 -24.95
C ASP A 62 12.65 -22.16 -25.80
N PRO A 63 12.36 -22.23 -27.10
CA PRO A 63 13.20 -23.02 -27.95
C PRO A 63 14.64 -22.56 -27.82
N ASP A 64 15.56 -23.51 -27.66
CA ASP A 64 17.00 -23.20 -27.69
C ASP A 64 17.37 -22.19 -26.57
N GLN A 65 16.64 -22.27 -25.47
CA GLN A 65 16.67 -21.24 -24.41
C GLN A 65 16.93 -19.81 -24.91
N ARG A 66 16.23 -19.45 -26.01
CA ARG A 66 16.27 -18.08 -26.53
C ARG A 66 15.86 -17.00 -25.56
N LEU A 67 15.02 -17.30 -24.53
CA LEU A 67 14.66 -16.32 -23.52
C LEU A 67 15.86 -15.79 -22.72
N SER A 68 16.98 -16.48 -22.80
CA SER A 68 18.10 -16.03 -22.01
C SER A 68 18.97 -15.21 -22.95
N GLN A 69 18.57 -15.03 -24.23
CA GLN A 69 19.45 -14.29 -25.16
C GLN A 69 18.84 -12.94 -25.37
N THR A 70 19.59 -11.89 -25.07
CA THR A 70 18.96 -10.54 -24.92
C THR A 70 18.14 -10.05 -26.10
N GLN A 71 18.46 -10.49 -27.31
CA GLN A 71 17.76 -10.13 -28.50
C GLN A 71 16.32 -10.63 -28.42
N PHE A 72 16.10 -11.74 -27.72
CA PHE A 72 14.76 -12.30 -27.55
C PHE A 72 14.17 -12.00 -26.18
N THR A 73 15.03 -11.90 -25.16
CA THR A 73 14.54 -11.60 -23.82
C THR A 73 13.76 -10.30 -23.79
N GLN A 74 14.28 -9.29 -24.47
CA GLN A 74 13.68 -7.97 -24.41
C GLN A 74 12.23 -7.86 -24.97
N PRO A 75 12.00 -8.37 -26.18
CA PRO A 75 10.63 -8.42 -26.65
C PRO A 75 9.74 -9.29 -25.84
N ALA A 76 10.27 -10.38 -25.30
CA ALA A 76 9.45 -11.22 -24.46
C ALA A 76 8.88 -10.48 -23.28
N LEU A 77 9.73 -9.80 -22.55
CA LEU A 77 9.35 -8.96 -21.40
C LEU A 77 8.40 -7.81 -21.81
N TYR A 78 8.73 -7.12 -22.90
CA TYR A 78 7.86 -6.05 -23.37
C TYR A 78 6.46 -6.55 -23.59
N VAL A 79 6.31 -7.62 -24.37
CA VAL A 79 4.97 -8.18 -24.64
C VAL A 79 4.21 -8.58 -23.36
N VAL A 80 4.83 -9.40 -22.51
CA VAL A 80 4.10 -9.87 -21.34
C VAL A 80 3.78 -8.71 -20.40
N ASN A 81 4.75 -7.79 -20.24
CA ASN A 81 4.45 -6.55 -19.44
C ASN A 81 3.27 -5.74 -19.99
N ALA A 82 3.25 -5.54 -21.31
CA ALA A 82 2.22 -4.66 -21.90
C ALA A 82 0.83 -5.35 -21.78
N LEU A 83 0.79 -6.63 -22.01
CA LEU A 83 -0.48 -7.33 -21.84
C LEU A 83 -0.92 -7.41 -20.36
N SER A 84 0.02 -7.65 -19.45
CA SER A 84 -0.30 -7.54 -18.01
C SER A 84 -0.91 -6.18 -17.71
N TYR A 85 -0.35 -5.12 -18.28
CA TYR A 85 -0.92 -3.79 -18.09
C TYR A 85 -2.41 -3.65 -18.57
N LEU A 86 -2.66 -4.06 -19.79
CA LEU A 86 -3.98 -3.93 -20.41
C LEU A 86 -4.95 -4.81 -19.66
N LYS A 87 -4.54 -6.00 -19.18
CA LYS A 87 -5.47 -6.80 -18.37
C LYS A 87 -5.91 -6.07 -17.11
N ARG A 88 -4.90 -5.61 -16.39
CA ARG A 88 -5.09 -4.82 -15.17
C ARG A 88 -6.04 -3.64 -15.40
N ARG A 89 -5.81 -2.96 -16.51
CA ARG A 89 -6.63 -1.81 -16.89
C ARG A 89 -8.06 -2.20 -17.28
N GLU A 90 -8.36 -3.48 -17.47
CA GLU A 90 -9.77 -3.83 -17.66
C GLU A 90 -10.54 -3.64 -16.41
N GLU A 91 -9.89 -3.94 -15.27
CA GLU A 91 -10.50 -3.99 -13.95
C GLU A 91 -10.18 -2.84 -13.01
N GLU A 92 -9.30 -1.90 -13.38
CA GLU A 92 -9.08 -0.77 -12.50
C GLU A 92 -8.64 0.48 -13.19
N ALA A 93 -8.77 1.58 -12.48
CA ALA A 93 -8.38 2.89 -13.02
C ALA A 93 -6.87 2.93 -13.22
N PRO A 94 -6.42 3.83 -14.09
CA PRO A 94 -5.04 3.90 -14.35
C PRO A 94 -4.28 4.37 -13.11
N PRO A 95 -3.02 3.96 -13.04
CA PRO A 95 -2.17 4.33 -11.92
C PRO A 95 -1.85 5.83 -11.89
N ASP A 96 -1.38 6.34 -10.77
CA ASP A 96 -0.93 7.71 -10.66
C ASP A 96 0.50 7.94 -11.14
N PHE A 97 1.32 6.90 -11.08
CA PHE A 97 2.73 6.96 -11.51
C PHE A 97 3.11 5.60 -12.15
N LEU A 98 4.19 5.64 -12.90
CA LEU A 98 4.64 4.45 -13.61
C LEU A 98 6.16 4.39 -13.41
N ALA A 99 6.71 3.20 -13.25
CA ALA A 99 8.13 3.05 -13.22
C ALA A 99 8.51 1.69 -13.71
N GLY A 100 9.47 1.61 -14.61
CA GLY A 100 9.92 0.40 -15.23
C GLY A 100 11.39 0.17 -14.91
N HIS A 101 11.71 -1.04 -14.47
CA HIS A 101 13.06 -1.41 -14.08
C HIS A 101 13.81 -1.93 -15.28
N CYS A 102 14.86 -1.22 -15.68
CA CYS A 102 15.67 -1.63 -16.79
C CYS A 102 14.85 -1.76 -18.05
N LEU A 103 14.75 -2.95 -18.65
CA LEU A 103 13.96 -3.12 -19.86
C LEU A 103 12.53 -2.56 -19.59
N GLY A 104 12.04 -2.73 -18.36
CA GLY A 104 10.67 -2.40 -18.09
C GLY A 104 10.34 -0.94 -18.24
N GLU A 105 11.35 -0.06 -18.26
CA GLU A 105 11.12 1.37 -18.58
C GLU A 105 10.38 1.59 -19.88
N PHE A 106 10.62 0.73 -20.86
CA PHE A 106 9.83 0.76 -22.12
C PHE A 106 8.33 0.49 -21.93
N SER A 107 7.98 -0.42 -21.02
CA SER A 107 6.61 -0.74 -20.69
C SER A 107 5.95 0.44 -20.02
N ALA A 108 6.68 1.11 -19.11
CA ALA A 108 6.12 2.31 -18.41
C ALA A 108 5.83 3.41 -19.45
N LEU A 109 6.73 3.60 -20.39
CA LEU A 109 6.56 4.64 -21.46
C LEU A 109 5.39 4.30 -22.40
N PHE A 110 5.24 3.03 -22.69
CA PHE A 110 4.07 2.57 -23.42
C PHE A 110 2.74 2.88 -22.65
N ALA A 111 2.70 2.49 -21.41
CA ALA A 111 1.58 2.72 -20.51
C ALA A 111 1.29 4.20 -20.39
N ALA A 112 2.32 5.03 -20.44
CA ALA A 112 2.14 6.46 -20.41
C ALA A 112 1.78 7.13 -21.76
N GLY A 113 1.63 6.36 -22.83
CA GLY A 113 1.32 6.92 -24.12
C GLY A 113 2.42 7.70 -24.82
N VAL A 114 3.67 7.43 -24.47
CA VAL A 114 4.76 8.04 -25.18
C VAL A 114 4.88 7.44 -26.61
N PHE A 115 4.55 6.15 -26.72
CA PHE A 115 4.44 5.45 -27.99
C PHE A 115 3.43 4.34 -27.79
N ASP A 116 2.93 3.87 -28.90
CA ASP A 116 2.00 2.79 -28.97
C ASP A 116 2.68 1.43 -28.85
N PHE A 117 1.83 0.44 -28.65
CA PHE A 117 2.30 -0.94 -28.42
C PHE A 117 3.34 -1.41 -29.39
N GLU A 118 3.01 -1.40 -30.65
CA GLU A 118 3.89 -1.94 -31.69
C GLU A 118 5.19 -1.13 -31.90
N THR A 119 5.08 0.19 -31.82
CA THR A 119 6.27 1.06 -31.92
C THR A 119 7.30 0.70 -30.84
N GLY A 120 6.87 0.65 -29.58
CA GLY A 120 7.68 0.25 -28.43
C GLY A 120 8.32 -1.10 -28.64
N LEU A 121 7.53 -2.03 -29.20
CA LEU A 121 8.01 -3.36 -29.50
C LEU A 121 9.16 -3.29 -30.50
N ALA A 122 8.97 -2.48 -31.56
CA ALA A 122 10.03 -2.20 -32.56
C ALA A 122 11.31 -1.65 -31.92
N LEU A 123 11.16 -0.74 -30.93
CA LEU A 123 12.34 -0.19 -30.29
C LEU A 123 13.09 -1.28 -29.49
N VAL A 124 12.34 -2.07 -28.75
CA VAL A 124 12.91 -3.11 -27.95
C VAL A 124 13.60 -4.18 -28.80
N LYS A 125 13.03 -4.46 -29.95
CA LYS A 125 13.61 -5.42 -30.84
C LYS A 125 14.96 -4.89 -31.28
N LYS A 126 15.02 -3.62 -31.65
CA LYS A 126 16.29 -3.06 -32.09
C LYS A 126 17.27 -3.02 -30.90
N ARG A 127 16.79 -2.55 -29.78
CA ARG A 127 17.63 -2.51 -28.57
C ARG A 127 18.28 -3.87 -28.30
N GLY A 128 17.46 -4.90 -28.34
CA GLY A 128 17.94 -6.31 -28.10
C GLY A 128 18.98 -6.78 -29.12
N GLU A 129 18.77 -6.43 -30.38
CA GLU A 129 19.78 -6.78 -31.41
C GLU A 129 21.10 -6.06 -31.13
N LEU A 130 21.05 -4.79 -30.74
CA LEU A 130 22.29 -4.04 -30.47
C LEU A 130 23.04 -4.59 -29.26
N MET A 131 22.31 -4.86 -28.21
CA MET A 131 22.94 -5.35 -27.02
C MET A 131 23.47 -6.76 -27.23
N GLY A 132 22.86 -7.49 -28.16
CA GLY A 132 23.24 -8.88 -28.51
C GLY A 132 24.59 -9.00 -29.22
N ASP A 133 25.02 -7.90 -29.80
CA ASP A 133 26.30 -7.84 -30.45
C ASP A 133 27.41 -7.51 -29.46
N ALA A 134 27.09 -7.07 -28.25
CA ALA A 134 28.16 -6.79 -27.27
C ALA A 134 28.81 -8.09 -26.73
N ARG A 135 30.14 -8.12 -26.67
CA ARG A 135 30.94 -9.26 -26.10
C ARG A 135 31.93 -8.71 -25.05
N GLY A 136 32.45 -9.63 -24.24
CA GLY A 136 33.56 -9.36 -23.31
C GLY A 136 33.06 -8.83 -21.94
N GLY A 137 31.78 -8.83 -21.69
CA GLY A 137 31.27 -8.12 -20.53
C GLY A 137 30.70 -9.10 -19.55
N GLY A 138 30.49 -8.64 -18.34
CA GLY A 138 29.82 -9.43 -17.35
C GLY A 138 29.19 -8.60 -16.27
N MET A 139 28.44 -9.26 -15.41
CA MET A 139 27.74 -8.62 -14.35
C MET A 139 27.63 -9.59 -13.19
N ALA A 140 27.57 -9.03 -11.99
CA ALA A 140 27.37 -9.77 -10.75
C ALA A 140 26.38 -9.07 -9.82
N ALA A 141 25.52 -9.86 -9.18
CA ALA A 141 24.62 -9.34 -8.11
C ALA A 141 25.18 -9.57 -6.81
N VAL A 142 25.13 -8.56 -5.95
CA VAL A 142 25.82 -8.59 -4.68
C VAL A 142 24.71 -8.32 -3.62
N ILE A 143 24.71 -9.12 -2.55
CA ILE A 143 23.87 -8.91 -1.40
C ILE A 143 24.71 -8.52 -0.19
N GLY A 144 24.27 -7.48 0.52
CA GLY A 144 24.76 -7.18 1.87
C GLY A 144 25.65 -5.97 2.02
N LEU A 145 25.90 -5.26 0.93
CA LEU A 145 26.83 -4.15 0.95
C LEU A 145 26.09 -2.96 0.33
N ASP A 146 26.20 -1.80 0.94
CA ASP A 146 25.56 -0.63 0.35
C ASP A 146 26.41 -0.04 -0.78
N GLU A 147 25.83 0.93 -1.48
CA GLU A 147 26.40 1.48 -2.65
C GLU A 147 27.82 1.97 -2.37
N GLU A 148 27.98 2.68 -1.27
CA GLU A 148 29.24 3.32 -0.98
C GLU A 148 30.34 2.28 -0.74
N ARG A 149 29.95 1.20 -0.05
CA ARG A 149 30.89 0.17 0.34
C ARG A 149 31.28 -0.57 -0.92
N VAL A 150 30.32 -0.75 -1.82
CA VAL A 150 30.63 -1.41 -3.07
C VAL A 150 31.64 -0.57 -3.83
N ARG A 151 31.39 0.71 -3.99
CA ARG A 151 32.33 1.56 -4.74
C ARG A 151 33.74 1.53 -4.14
N GLU A 152 33.82 1.57 -2.82
CA GLU A 152 35.12 1.57 -2.18
C GLU A 152 35.83 0.21 -2.37
N LEU A 153 35.13 -0.89 -2.27
CA LEU A 153 35.77 -2.18 -2.53
C LEU A 153 36.21 -2.32 -4.00
N LEU A 154 35.39 -1.82 -4.95
CA LEU A 154 35.82 -1.88 -6.35
C LEU A 154 37.15 -1.14 -6.53
N ASP A 155 37.20 0.12 -6.10
CA ASP A 155 38.39 0.95 -6.25
C ASP A 155 39.58 0.30 -5.54
N GLN A 156 39.34 -0.16 -4.29
CA GLN A 156 40.45 -0.76 -3.56
C GLN A 156 40.99 -1.99 -4.27
N ASN A 157 40.19 -2.67 -5.08
CA ASN A 157 40.64 -3.84 -5.89
C ASN A 157 41.14 -3.46 -7.32
N GLY A 158 41.24 -2.20 -7.60
CA GLY A 158 41.74 -1.80 -8.88
C GLY A 158 40.69 -1.81 -9.96
N ALA A 159 39.40 -2.04 -9.61
CA ALA A 159 38.32 -2.12 -10.53
C ALA A 159 37.60 -0.80 -10.80
N THR A 160 38.35 0.15 -11.35
CA THR A 160 37.87 1.43 -11.67
C THR A 160 36.98 1.46 -12.90
N ALA A 161 37.08 0.43 -13.75
CA ALA A 161 36.30 0.31 -14.94
C ALA A 161 35.11 -0.63 -14.75
N VAL A 162 34.84 -0.99 -13.51
CA VAL A 162 33.60 -1.66 -13.19
C VAL A 162 32.56 -0.64 -12.62
N ASP A 163 31.32 -0.69 -13.11
CA ASP A 163 30.29 0.23 -12.67
C ASP A 163 29.23 -0.48 -11.80
N ILE A 164 28.54 0.31 -11.01
CA ILE A 164 27.40 -0.14 -10.26
C ILE A 164 26.24 0.06 -11.27
N ALA A 165 25.76 -1.01 -11.89
CA ALA A 165 24.75 -1.00 -12.89
C ALA A 165 23.29 -0.87 -12.39
N ASN A 166 22.99 -1.55 -11.27
CA ASN A 166 21.66 -1.44 -10.65
C ASN A 166 21.81 -1.10 -9.17
N LEU A 167 21.04 -0.14 -8.64
CA LEU A 167 20.93 0.14 -7.23
C LEU A 167 19.47 -0.32 -6.90
N ASN A 168 19.32 -1.59 -6.53
CA ASN A 168 18.00 -2.22 -6.48
C ASN A 168 17.24 -2.07 -5.17
N SER A 169 17.97 -2.16 -4.07
CA SER A 169 17.41 -1.95 -2.76
C SER A 169 18.62 -1.67 -1.79
N PRO A 170 18.35 -1.38 -0.50
CA PRO A 170 19.45 -1.01 0.43
C PRO A 170 20.58 -2.07 0.54
N SER A 171 20.22 -3.34 0.37
CA SER A 171 21.22 -4.35 0.41
C SER A 171 21.53 -5.09 -0.93
N GLN A 172 20.94 -4.68 -2.07
CA GLN A 172 21.15 -5.32 -3.36
C GLN A 172 21.61 -4.33 -4.45
N VAL A 173 22.81 -4.58 -4.94
CA VAL A 173 23.31 -3.87 -6.13
C VAL A 173 23.80 -4.84 -7.16
N VAL A 174 23.89 -4.38 -8.42
CA VAL A 174 24.43 -5.17 -9.48
C VAL A 174 25.60 -4.43 -10.08
N ILE A 175 26.75 -5.12 -10.20
CA ILE A 175 27.95 -4.50 -10.77
C ILE A 175 28.15 -5.02 -12.11
N SER A 176 28.92 -4.25 -12.90
CA SER A 176 28.93 -4.45 -14.31
C SER A 176 30.22 -4.01 -14.91
N GLY A 177 30.88 -4.93 -15.60
CA GLY A 177 32.21 -4.62 -16.19
C GLY A 177 32.85 -5.73 -17.05
N ALA A 178 34.18 -5.68 -17.23
CA ALA A 178 34.90 -6.71 -17.99
C ALA A 178 34.70 -8.09 -17.34
N LYS A 179 34.39 -9.08 -18.19
CA LYS A 179 34.09 -10.42 -17.75
C LYS A 179 35.12 -10.98 -16.75
N ASP A 180 36.42 -10.86 -17.01
CA ASP A 180 37.42 -11.51 -16.09
C ASP A 180 37.44 -10.80 -14.72
N GLU A 181 37.24 -9.51 -14.79
CA GLU A 181 37.31 -8.68 -13.62
C GLU A 181 36.11 -9.03 -12.74
N ILE A 182 34.92 -9.16 -13.32
CA ILE A 182 33.73 -9.56 -12.49
C ILE A 182 33.96 -10.94 -11.83
N ALA A 183 34.56 -11.87 -12.57
CA ALA A 183 34.87 -13.22 -11.95
C ALA A 183 35.79 -13.10 -10.76
N ARG A 184 36.85 -12.35 -10.94
CA ARG A 184 37.90 -12.24 -9.95
C ARG A 184 37.56 -11.37 -8.77
N LEU A 185 36.57 -10.50 -8.89
CA LEU A 185 36.15 -9.76 -7.71
C LEU A 185 35.36 -10.63 -6.69
N GLN A 186 34.89 -11.82 -7.10
CA GLN A 186 34.07 -12.63 -6.16
C GLN A 186 34.70 -12.83 -4.76
N VAL A 187 35.89 -13.42 -4.74
CA VAL A 187 36.58 -13.72 -3.47
C VAL A 187 36.83 -12.51 -2.58
N PRO A 188 37.39 -11.46 -3.17
CA PRO A 188 37.57 -10.29 -2.32
C PRO A 188 36.23 -9.71 -1.78
N PHE A 189 35.15 -9.69 -2.58
CA PHE A 189 33.84 -9.18 -2.06
C PHE A 189 33.37 -10.09 -0.92
N GLU A 190 33.49 -11.41 -1.14
CA GLU A 190 33.08 -12.45 -0.12
C GLU A 190 33.90 -12.23 1.13
N ALA A 191 35.22 -12.09 0.98
CA ALA A 191 36.10 -11.82 2.13
C ALA A 191 35.77 -10.50 2.81
N ALA A 192 35.18 -9.54 2.14
CA ALA A 192 34.92 -8.22 2.80
C ALA A 192 33.50 -8.11 3.36
N GLY A 193 32.70 -9.15 3.15
CA GLY A 193 31.39 -9.27 3.83
C GLY A 193 30.24 -9.45 2.84
N ALA A 194 30.42 -9.22 1.55
CA ALA A 194 29.28 -9.56 0.64
C ALA A 194 28.63 -10.90 1.14
N LYS A 195 27.33 -10.89 1.41
CA LYS A 195 26.68 -12.08 1.94
C LYS A 195 26.36 -12.97 0.80
N LYS A 196 26.39 -12.43 -0.40
CA LYS A 196 26.31 -13.28 -1.57
C LYS A 196 26.85 -12.53 -2.81
N TYR A 197 27.42 -13.27 -3.77
CA TYR A 197 28.06 -12.72 -4.97
C TYR A 197 27.76 -13.70 -6.08
N THR A 198 27.05 -13.28 -7.13
CA THR A 198 26.64 -14.23 -8.16
C THR A 198 26.90 -13.66 -9.55
N VAL A 199 27.83 -14.29 -10.27
CA VAL A 199 28.17 -13.89 -11.65
C VAL A 199 27.00 -14.28 -12.53
N LEU A 200 26.52 -13.35 -13.34
CA LEU A 200 25.24 -13.54 -14.01
C LEU A 200 25.53 -14.12 -15.37
N ARG A 201 24.54 -14.73 -15.98
CA ARG A 201 24.74 -15.33 -17.26
C ARG A 201 24.41 -14.31 -18.30
N VAL A 202 25.30 -13.33 -18.47
CA VAL A 202 25.13 -12.29 -19.49
C VAL A 202 26.50 -12.23 -20.18
N SER A 203 26.58 -11.81 -21.44
CA SER A 203 27.90 -11.59 -22.12
C SER A 203 28.28 -10.10 -22.34
N ALA A 204 27.42 -9.22 -21.83
CA ALA A 204 27.70 -7.80 -21.85
C ALA A 204 27.66 -7.17 -20.46
N ALA A 205 28.40 -6.10 -20.30
CA ALA A 205 28.30 -5.24 -19.12
C ALA A 205 27.13 -4.23 -19.24
N PHE A 206 25.88 -4.73 -19.10
CA PHE A 206 24.71 -3.88 -19.28
C PHE A 206 24.73 -2.76 -18.20
N HIS A 207 24.23 -1.58 -18.57
CA HIS A 207 24.11 -0.42 -17.70
C HIS A 207 25.46 0.03 -17.10
N SER A 208 26.50 -0.11 -17.95
CA SER A 208 27.82 0.36 -17.64
C SER A 208 28.29 1.26 -18.79
N ARG A 209 29.38 2.00 -18.55
CA ARG A 209 29.88 2.91 -19.57
C ARG A 209 30.32 2.13 -20.83
N PHE A 210 30.63 0.85 -20.70
CA PHE A 210 31.05 0.02 -21.85
C PHE A 210 29.90 -0.11 -22.84
N MET A 211 28.68 0.21 -22.47
CA MET A 211 27.59 0.20 -23.46
C MET A 211 27.48 1.46 -24.28
N ARG A 212 28.45 2.32 -24.19
CA ARG A 212 28.40 3.52 -25.00
C ARG A 212 28.12 3.26 -26.51
N PRO A 213 28.69 2.20 -27.11
CA PRO A 213 28.47 2.04 -28.55
C PRO A 213 26.98 1.81 -28.92
N ALA A 214 26.36 0.89 -28.19
CA ALA A 214 24.98 0.64 -28.24
C ALA A 214 24.12 1.91 -28.00
N MET A 215 24.52 2.76 -27.03
CA MET A 215 23.78 3.93 -26.71
C MET A 215 23.76 4.88 -27.90
N VAL A 216 24.91 5.04 -28.50
CA VAL A 216 25.06 6.01 -29.57
C VAL A 216 24.28 5.54 -30.78
N GLU A 217 24.40 4.26 -31.12
CA GLU A 217 23.66 3.70 -32.26
C GLU A 217 22.15 3.75 -31.99
N PHE A 218 21.75 3.40 -30.77
CA PHE A 218 20.33 3.48 -30.40
C PHE A 218 19.76 4.90 -30.56
N GLY A 219 20.46 5.90 -30.06
CA GLY A 219 20.08 7.29 -30.20
C GLY A 219 19.99 7.67 -31.64
N ARG A 220 20.91 7.19 -32.45
CA ARG A 220 20.74 7.40 -33.87
C ARG A 220 19.46 6.75 -34.48
N PHE A 221 19.19 5.49 -34.15
CA PHE A 221 17.98 4.77 -34.53
C PHE A 221 16.73 5.48 -34.04
N LEU A 222 16.76 6.03 -32.81
CA LEU A 222 15.56 6.73 -32.36
C LEU A 222 15.17 8.02 -33.12
N GLU A 223 16.12 8.57 -33.89
CA GLU A 223 15.88 9.81 -34.66
C GLU A 223 14.78 9.62 -35.68
N GLY A 224 14.53 8.39 -36.09
CA GLY A 224 13.52 8.12 -37.05
C GLY A 224 12.17 7.91 -36.38
N TYR A 225 12.05 8.15 -35.06
CA TYR A 225 10.77 7.94 -34.35
C TYR A 225 10.34 9.25 -33.67
N ASP A 226 9.05 9.43 -33.52
CA ASP A 226 8.48 10.56 -32.74
C ASP A 226 7.83 10.05 -31.47
N PHE A 227 8.06 10.75 -30.37
CA PHE A 227 7.60 10.39 -29.07
C PHE A 227 6.63 11.46 -28.51
N ALA A 228 5.56 11.07 -27.82
CA ALA A 228 4.68 12.03 -27.15
C ALA A 228 5.05 12.19 -25.73
N PRO A 229 4.76 13.36 -25.12
CA PRO A 229 5.01 13.50 -23.73
C PRO A 229 4.08 12.54 -22.93
N PRO A 230 4.61 12.03 -21.81
CA PRO A 230 3.90 11.07 -21.02
C PRO A 230 2.66 11.65 -20.48
N LYS A 231 1.56 10.89 -20.52
CA LYS A 231 0.28 11.33 -19.99
C LYS A 231 0.21 11.10 -18.47
N ILE A 232 1.02 10.15 -18.01
CA ILE A 232 1.15 9.74 -16.57
C ILE A 232 2.65 9.78 -16.38
N PRO A 233 3.10 10.31 -15.21
CA PRO A 233 4.51 10.44 -14.97
C PRO A 233 5.25 9.10 -14.94
N VAL A 234 6.40 9.11 -15.60
CA VAL A 234 7.21 7.93 -15.68
C VAL A 234 8.51 8.29 -14.94
N ILE A 235 8.82 7.53 -13.86
CA ILE A 235 10.04 7.80 -13.11
C ILE A 235 11.20 7.13 -13.77
N SER A 236 12.06 8.00 -14.27
CA SER A 236 13.22 7.61 -15.07
C SER A 236 14.27 6.80 -14.23
N ASN A 237 14.81 5.74 -14.81
CA ASN A 237 15.92 4.97 -14.20
C ASN A 237 17.20 5.81 -14.06
N VAL A 238 17.37 6.79 -14.93
CA VAL A 238 18.57 7.59 -14.99
C VAL A 238 18.64 8.64 -13.90
N THR A 239 17.53 9.33 -13.68
CA THR A 239 17.47 10.48 -12.77
C THR A 239 16.71 10.15 -11.43
N ALA A 240 15.94 9.04 -11.37
CA ALA A 240 15.06 8.75 -10.21
C ALA A 240 13.97 9.83 -10.06
N ARG A 241 13.62 10.49 -11.17
CA ARG A 241 12.63 11.59 -11.18
C ARG A 241 11.73 11.49 -12.43
N PRO A 242 10.54 12.10 -12.39
CA PRO A 242 9.72 12.08 -13.61
C PRO A 242 10.48 12.45 -14.93
N CYS A 243 10.29 11.66 -16.01
CA CYS A 243 10.79 11.99 -17.34
C CYS A 243 10.21 13.33 -17.72
N LYS A 244 11.06 14.16 -18.30
CA LYS A 244 10.67 15.43 -18.88
C LYS A 244 9.76 15.22 -20.11
N ALA A 245 9.00 16.24 -20.44
CA ALA A 245 8.04 16.16 -21.58
C ALA A 245 8.84 16.11 -22.90
N ASP A 246 10.10 16.54 -22.91
CA ASP A 246 10.93 16.27 -24.10
C ASP A 246 12.36 15.85 -23.75
N GLY A 247 13.25 15.85 -24.73
CA GLY A 247 14.46 15.03 -24.64
C GLY A 247 14.24 13.57 -24.21
N ILE A 248 13.16 12.94 -24.65
CA ILE A 248 12.90 11.59 -24.20
C ILE A 248 13.79 10.56 -24.95
N ARG A 249 14.01 10.83 -26.18
CA ARG A 249 14.91 9.99 -26.98
C ARG A 249 16.31 9.97 -26.45
N ALA A 250 16.82 11.15 -26.11
CA ALA A 250 18.12 11.23 -25.47
C ALA A 250 18.10 10.43 -24.21
N ALA A 251 17.10 10.59 -23.37
CA ALA A 251 17.16 9.90 -22.06
C ALA A 251 17.04 8.36 -22.11
N LEU A 252 16.23 7.86 -23.02
CA LEU A 252 16.14 6.43 -23.30
C LEU A 252 17.46 5.81 -23.83
N SER A 253 18.12 6.49 -24.76
CA SER A 253 19.47 6.07 -25.17
C SER A 253 20.47 6.14 -24.03
N GLU A 254 20.42 7.15 -23.20
CA GLU A 254 21.35 7.26 -22.09
C GLU A 254 21.15 6.14 -21.07
N GLN A 255 19.89 5.69 -20.92
CA GLN A 255 19.53 4.69 -19.90
C GLN A 255 20.30 3.38 -20.17
N ILE A 256 20.62 3.09 -21.45
CA ILE A 256 21.36 1.90 -21.82
C ILE A 256 22.72 1.79 -21.13
N ALA A 257 23.37 2.94 -20.95
CA ALA A 257 24.75 3.04 -20.44
C ALA A 257 24.86 3.68 -19.10
N SER A 258 23.74 3.84 -18.39
CA SER A 258 23.69 4.55 -17.11
C SER A 258 23.20 3.59 -16.05
N PRO A 259 23.71 3.75 -14.83
CA PRO A 259 23.07 3.03 -13.73
C PRO A 259 21.55 3.23 -13.57
N VAL A 260 20.91 2.19 -13.09
CA VAL A 260 19.48 2.13 -12.83
C VAL A 260 19.22 2.43 -11.33
N ARG A 261 18.74 3.61 -11.09
CA ARG A 261 18.56 4.15 -9.75
C ARG A 261 17.15 3.78 -9.17
N TRP A 262 16.94 2.49 -8.98
CA TRP A 262 15.69 1.92 -8.63
C TRP A 262 15.22 2.19 -7.26
N CYS A 263 16.13 1.94 -6.32
CA CYS A 263 15.89 2.21 -4.93
C CYS A 263 15.42 3.67 -4.72
N GLU A 264 16.13 4.64 -5.29
CA GLU A 264 15.80 6.05 -5.13
C GLU A 264 14.44 6.42 -5.82
N SER A 265 14.12 5.73 -6.91
CA SER A 265 12.86 5.93 -7.65
C SER A 265 11.67 5.57 -6.81
N ILE A 266 11.79 4.43 -6.16
CA ILE A 266 10.76 3.92 -5.28
C ILE A 266 10.59 4.83 -4.04
N ARG A 267 11.70 5.25 -3.42
CA ARG A 267 11.65 6.17 -2.24
C ARG A 267 11.04 7.52 -2.64
N TYR A 268 11.32 7.97 -3.85
CA TYR A 268 10.69 9.15 -4.41
C TYR A 268 9.19 9.02 -4.46
N LEU A 269 8.71 7.91 -5.01
CA LEU A 269 7.28 7.66 -5.13
C LEU A 269 6.58 7.58 -3.77
N MET A 270 7.22 6.96 -2.80
CA MET A 270 6.73 6.96 -1.43
C MET A 270 6.70 8.41 -0.86
N GLY A 271 7.77 9.19 -1.09
CA GLY A 271 7.72 10.60 -0.70
C GLY A 271 6.59 11.38 -1.39
N ARG A 272 6.21 10.99 -2.61
CA ARG A 272 5.17 11.68 -3.33
C ARG A 272 3.73 11.23 -2.92
N GLY A 273 3.62 10.24 -2.04
CA GLY A 273 2.39 9.88 -1.44
C GLY A 273 1.82 8.56 -1.95
N VAL A 274 2.59 7.82 -2.72
CA VAL A 274 2.08 6.56 -3.25
C VAL A 274 1.79 5.55 -2.08
N GLU A 275 0.58 4.99 -2.09
CA GLU A 275 0.08 4.03 -1.10
C GLU A 275 0.18 2.61 -1.55
N GLU A 276 0.09 2.38 -2.87
CA GLU A 276 0.05 1.01 -3.41
C GLU A 276 1.01 0.83 -4.53
N PHE A 277 1.77 -0.26 -4.49
CA PHE A 277 2.77 -0.52 -5.51
C PHE A 277 2.38 -1.85 -6.12
N VAL A 278 2.11 -1.85 -7.42
CA VAL A 278 1.66 -3.04 -8.13
C VAL A 278 2.65 -3.43 -9.22
N GLU A 279 3.12 -4.68 -9.22
CA GLU A 279 4.05 -5.19 -10.24
C GLU A 279 3.22 -5.66 -11.46
N CYS A 280 3.38 -5.13 -12.69
CA CYS A 280 2.73 -5.68 -13.88
C CYS A 280 3.70 -6.37 -14.75
N GLY A 281 3.56 -7.68 -14.89
CA GLY A 281 4.47 -8.47 -15.76
C GLY A 281 4.65 -9.80 -15.06
N HIS A 282 5.51 -10.61 -15.58
CA HIS A 282 5.76 -11.91 -15.02
C HIS A 282 6.66 -11.82 -13.75
N GLY A 283 6.33 -12.54 -12.67
CA GLY A 283 7.20 -12.78 -11.52
C GLY A 283 6.98 -11.83 -10.38
N ILE A 284 7.86 -11.84 -9.41
CA ILE A 284 7.73 -11.06 -8.20
C ILE A 284 9.03 -10.39 -7.86
N VAL A 285 9.83 -10.09 -8.88
CA VAL A 285 11.13 -9.47 -8.64
C VAL A 285 10.98 -8.09 -7.98
N LEU A 286 10.15 -7.22 -8.56
CA LEU A 286 10.00 -5.87 -8.09
C LEU A 286 9.14 -5.83 -6.81
N THR A 287 8.25 -6.80 -6.65
CA THR A 287 7.44 -6.84 -5.42
C THR A 287 8.40 -7.04 -4.21
N GLY A 288 9.35 -7.95 -4.40
CA GLY A 288 10.33 -8.22 -3.37
C GLY A 288 11.28 -7.10 -3.08
N LEU A 289 11.70 -6.35 -4.11
CA LEU A 289 12.49 -5.15 -3.93
C LEU A 289 11.71 -4.08 -3.26
N TYR A 290 10.46 -3.85 -3.70
CA TYR A 290 9.65 -2.86 -3.02
C TYR A 290 9.52 -3.18 -1.47
N ALA A 291 9.21 -4.41 -1.13
CA ALA A 291 9.15 -4.79 0.25
C ALA A 291 10.45 -4.47 1.03
N GLN A 292 11.62 -4.76 0.45
CA GLN A 292 12.88 -4.41 1.10
C GLN A 292 13.08 -2.90 1.35
N ILE A 293 12.84 -2.13 0.30
CA ILE A 293 12.86 -0.67 0.36
C ILE A 293 11.84 -0.13 1.43
N ARG A 294 10.60 -0.59 1.40
CA ARG A 294 9.59 -0.09 2.35
C ARG A 294 9.97 -0.50 3.75
N ARG A 295 10.41 -1.75 3.93
CA ARG A 295 10.77 -2.25 5.24
C ARG A 295 11.90 -1.42 5.83
N ASP A 296 12.90 -1.13 5.03
CA ASP A 296 14.04 -0.37 5.48
C ASP A 296 13.61 1.00 5.95
N ALA A 297 12.58 1.58 5.38
CA ALA A 297 12.08 2.87 5.83
C ALA A 297 11.12 2.75 7.03
N GLN A 298 10.76 1.55 7.43
CA GLN A 298 9.83 1.40 8.56
C GLN A 298 10.46 0.68 9.73
N PRO A 299 10.55 1.35 10.90
CA PRO A 299 11.08 0.70 12.08
C PRO A 299 10.25 -0.54 12.52
N LEU A 300 10.92 -1.61 12.95
CA LEU A 300 10.23 -2.83 13.49
C LEU A 300 9.52 -2.48 14.77
N VAL A 301 8.49 -3.27 15.12
CA VAL A 301 7.77 -3.06 16.38
C VAL A 301 8.41 -3.95 17.44
N ARG B 15 -0.72 -10.44 -4.57
CA ARG B 15 -0.46 -10.80 -3.13
C ARG B 15 0.61 -9.91 -2.32
N HIS B 16 0.08 -8.91 -1.60
CA HIS B 16 0.84 -8.08 -0.64
C HIS B 16 0.32 -8.32 0.75
N MET B 17 1.05 -7.89 1.74
CA MET B 17 0.57 -7.88 3.09
C MET B 17 -0.47 -6.83 3.26
N LYS B 18 -1.66 -7.24 3.71
CA LYS B 18 -2.80 -6.35 3.76
C LYS B 18 -3.59 -6.36 5.08
N ALA B 19 -4.22 -5.21 5.34
CA ALA B 19 -5.12 -5.09 6.48
C ALA B 19 -6.46 -4.49 5.97
N TYR B 20 -7.55 -5.08 6.46
CA TYR B 20 -8.84 -4.54 6.22
C TYR B 20 -9.22 -3.73 7.45
N MET B 21 -9.80 -2.56 7.19
CA MET B 21 -10.21 -1.63 8.18
C MET B 21 -11.74 -1.36 8.05
N PHE B 22 -12.48 -1.51 9.13
CA PHE B 22 -13.99 -1.42 9.08
C PHE B 22 -14.52 -0.19 9.75
N PRO B 23 -15.37 0.63 9.07
CA PRO B 23 -15.78 1.89 9.66
C PRO B 23 -16.89 1.76 10.72
N GLY B 24 -17.03 2.82 11.50
CA GLY B 24 -17.97 2.83 12.62
C GLY B 24 -18.93 3.99 12.50
N GLN B 25 -19.61 4.21 13.62
CA GLN B 25 -20.63 5.28 13.71
C GLN B 25 -20.16 6.63 13.19
N GLY B 26 -21.00 7.26 12.38
CA GLY B 26 -20.53 8.45 11.67
C GLY B 26 -20.21 8.28 10.21
N SER B 27 -19.93 7.06 9.73
CA SER B 27 -19.70 6.81 8.30
C SER B 27 -20.98 6.40 7.54
N GLN B 28 -22.08 6.13 8.25
CA GLN B 28 -23.33 5.67 7.59
C GLN B 28 -23.86 6.76 6.70
N ALA B 29 -24.64 6.39 5.68
CA ALA B 29 -25.32 7.33 4.81
C ALA B 29 -26.49 6.62 4.15
N LYS B 30 -27.55 7.38 3.94
CA LYS B 30 -28.73 6.91 3.25
C LYS B 30 -28.30 6.46 1.89
N GLY B 31 -28.83 5.33 1.47
CA GLY B 31 -28.43 4.72 0.24
C GLY B 31 -27.36 3.67 0.33
N MET B 32 -26.58 3.69 1.39
CA MET B 32 -25.50 2.71 1.56
C MET B 32 -25.97 1.25 1.44
N GLY B 33 -25.14 0.45 0.78
CA GLY B 33 -25.31 -0.99 0.78
C GLY B 33 -26.16 -1.58 -0.31
N ARG B 34 -26.86 -0.74 -1.07
CA ARG B 34 -27.86 -1.19 -2.08
C ARG B 34 -27.37 -2.36 -2.91
N ALA B 35 -26.24 -2.20 -3.58
CA ALA B 35 -25.82 -3.31 -4.44
C ALA B 35 -25.49 -4.57 -3.62
N LEU B 36 -25.03 -4.37 -2.37
CA LEU B 36 -24.63 -5.51 -1.57
C LEU B 36 -25.85 -6.31 -1.15
N PHE B 37 -26.90 -5.63 -0.76
CA PHE B 37 -28.17 -6.31 -0.42
C PHE B 37 -28.70 -7.15 -1.60
N ASP B 38 -28.58 -6.65 -2.83
CA ASP B 38 -29.09 -7.36 -3.99
C ASP B 38 -28.19 -8.57 -4.25
N ALA B 39 -26.91 -8.45 -3.95
CA ALA B 39 -26.01 -9.56 -4.16
C ALA B 39 -26.06 -10.62 -3.08
N PHE B 40 -26.55 -10.29 -1.92
CA PHE B 40 -26.63 -11.25 -0.84
C PHE B 40 -28.05 -11.30 -0.22
N PRO B 41 -29.08 -11.75 -1.00
CA PRO B 41 -30.45 -11.77 -0.53
C PRO B 41 -30.67 -12.61 0.70
N ALA B 42 -30.07 -13.78 0.76
CA ALA B 42 -30.28 -14.65 1.96
C ALA B 42 -29.69 -14.15 3.23
N LEU B 43 -28.46 -13.60 3.21
CA LEU B 43 -27.89 -12.99 4.42
C LEU B 43 -28.73 -11.77 4.86
N THR B 44 -29.19 -10.99 3.87
CA THR B 44 -30.00 -9.81 4.14
C THR B 44 -31.26 -10.28 4.84
N ALA B 45 -31.91 -11.33 4.34
CA ALA B 45 -33.12 -11.82 4.96
C ALA B 45 -32.87 -12.35 6.41
N ARG B 46 -31.80 -13.08 6.58
CA ARG B 46 -31.34 -13.53 7.92
C ARG B 46 -31.13 -12.42 8.91
N ALA B 47 -30.52 -11.36 8.44
CA ALA B 47 -30.40 -10.12 9.23
C ALA B 47 -31.67 -9.55 9.67
N ASP B 48 -32.61 -9.45 8.75
CA ASP B 48 -33.94 -8.95 9.10
C ASP B 48 -34.56 -9.83 10.21
N GLY B 49 -34.31 -11.14 10.17
CA GLY B 49 -34.87 -12.04 11.14
C GLY B 49 -34.24 -11.81 12.52
N VAL B 50 -32.98 -11.46 12.58
CA VAL B 50 -32.41 -11.07 13.86
C VAL B 50 -32.97 -9.76 14.36
N LEU B 51 -33.17 -8.80 13.45
CA LEU B 51 -33.48 -7.44 13.84
C LEU B 51 -34.96 -7.18 14.06
N GLY B 52 -35.84 -7.83 13.31
CA GLY B 52 -37.27 -7.54 13.49
C GLY B 52 -37.76 -6.39 12.63
N TYR B 53 -36.92 -5.95 11.71
CA TYR B 53 -37.29 -4.92 10.73
C TYR B 53 -36.44 -5.09 9.47
N SER B 54 -36.70 -4.27 8.45
CA SER B 54 -35.94 -4.34 7.18
C SER B 54 -34.63 -3.52 7.15
N ILE B 55 -33.50 -4.21 7.05
CA ILE B 55 -32.19 -3.57 7.00
C ILE B 55 -32.04 -2.78 5.70
N ARG B 56 -32.62 -3.30 4.64
CA ARG B 56 -32.57 -2.63 3.35
C ARG B 56 -33.33 -1.36 3.35
N ALA B 57 -34.53 -1.33 3.94
CA ALA B 57 -35.24 -0.07 4.05
C ALA B 57 -34.56 0.93 4.93
N LEU B 58 -34.05 0.49 6.06
CA LEU B 58 -33.40 1.42 6.97
C LEU B 58 -32.20 2.09 6.22
N CYS B 59 -31.34 1.28 5.62
CA CYS B 59 -30.20 1.75 4.88
C CYS B 59 -30.56 2.57 3.64
N GLN B 60 -31.49 2.12 2.82
CA GLN B 60 -31.80 2.84 1.54
C GLN B 60 -32.76 4.01 1.69
N ASP B 61 -33.73 3.88 2.57
CA ASP B 61 -34.77 4.92 2.73
C ASP B 61 -34.62 5.78 3.96
N ASP B 62 -33.83 5.31 4.93
CA ASP B 62 -33.66 6.06 6.17
C ASP B 62 -34.93 6.76 6.66
N PRO B 63 -35.92 6.00 7.13
CA PRO B 63 -37.15 6.63 7.61
C PRO B 63 -36.88 7.39 8.91
N ASP B 64 -37.42 8.57 9.05
CA ASP B 64 -37.34 9.32 10.29
C ASP B 64 -35.91 9.46 10.76
N GLN B 65 -35.01 9.49 9.78
CA GLN B 65 -33.57 9.52 10.00
C GLN B 65 -33.14 8.59 11.11
N ARG B 66 -33.76 7.40 11.13
CA ARG B 66 -33.34 6.40 12.14
C ARG B 66 -31.88 6.02 11.97
N LEU B 67 -31.29 6.23 10.80
CA LEU B 67 -29.82 5.89 10.64
C LEU B 67 -28.96 6.71 11.55
N SER B 68 -29.46 7.85 12.01
CA SER B 68 -28.67 8.69 12.83
C SER B 68 -28.89 8.32 14.28
N GLN B 69 -29.66 7.28 14.53
CA GLN B 69 -30.02 6.90 15.90
C GLN B 69 -29.31 5.57 16.19
N THR B 70 -28.42 5.62 17.18
CA THR B 70 -27.46 4.61 17.46
C THR B 70 -27.96 3.18 17.58
N GLN B 71 -29.17 3.04 18.03
CA GLN B 71 -29.90 1.77 18.05
C GLN B 71 -29.94 1.13 16.69
N PHE B 72 -30.09 1.97 15.68
CA PHE B 72 -30.27 1.50 14.32
C PHE B 72 -28.95 1.64 13.54
N THR B 73 -28.20 2.68 13.87
CA THR B 73 -26.90 2.93 13.27
C THR B 73 -25.98 1.75 13.33
N GLN B 74 -25.92 1.11 14.48
CA GLN B 74 -24.91 0.07 14.69
C GLN B 74 -25.17 -1.21 13.86
N PRO B 75 -26.38 -1.78 13.91
CA PRO B 75 -26.74 -2.83 12.96
C PRO B 75 -26.58 -2.47 11.46
N ALA B 76 -26.93 -1.23 11.06
CA ALA B 76 -26.78 -0.84 9.64
C ALA B 76 -25.31 -0.96 9.21
N LEU B 77 -24.42 -0.48 10.04
CA LEU B 77 -23.04 -0.52 9.75
C LEU B 77 -22.53 -1.92 9.80
N TYR B 78 -22.96 -2.71 10.78
CA TYR B 78 -22.44 -4.06 10.94
C TYR B 78 -22.82 -4.88 9.73
N VAL B 79 -24.08 -4.71 9.30
CA VAL B 79 -24.52 -5.42 8.10
C VAL B 79 -23.80 -4.97 6.86
N VAL B 80 -23.72 -3.69 6.60
CA VAL B 80 -23.01 -3.25 5.37
C VAL B 80 -21.49 -3.67 5.35
N ASN B 81 -20.84 -3.52 6.49
CA ASN B 81 -19.42 -3.95 6.61
C ASN B 81 -19.27 -5.45 6.36
N ALA B 82 -20.19 -6.23 6.93
CA ALA B 82 -20.09 -7.70 6.79
C ALA B 82 -20.27 -8.08 5.31
N LEU B 83 -21.22 -7.45 4.60
CA LEU B 83 -21.44 -7.86 3.25
C LEU B 83 -20.29 -7.40 2.38
N SER B 84 -19.78 -6.21 2.70
CA SER B 84 -18.64 -5.65 1.98
C SER B 84 -17.46 -6.64 2.09
N TYR B 85 -17.26 -7.20 3.28
CA TYR B 85 -16.20 -8.15 3.53
C TYR B 85 -16.38 -9.43 2.65
N LEU B 86 -17.62 -9.96 2.62
CA LEU B 86 -17.89 -11.20 1.92
C LEU B 86 -17.80 -10.99 0.46
N LYS B 87 -18.06 -9.80 0.02
CA LYS B 87 -18.01 -9.52 -1.42
C LYS B 87 -16.54 -9.47 -1.81
N ARG B 88 -15.77 -8.80 -0.98
CA ARG B 88 -14.35 -8.70 -1.26
C ARG B 88 -13.62 -10.06 -1.19
N ARG B 89 -14.04 -10.92 -0.30
CA ARG B 89 -13.51 -12.26 -0.22
C ARG B 89 -13.81 -13.16 -1.41
N GLU B 90 -14.81 -12.84 -2.23
CA GLU B 90 -15.06 -13.58 -3.45
C GLU B 90 -13.90 -13.44 -4.40
N GLU B 91 -13.25 -12.29 -4.39
CA GLU B 91 -12.27 -11.87 -5.38
C GLU B 91 -10.82 -11.87 -4.89
N GLU B 92 -10.56 -11.97 -3.58
CA GLU B 92 -9.13 -12.01 -3.11
C GLU B 92 -9.00 -12.74 -1.81
N ALA B 93 -7.73 -13.06 -1.48
CA ALA B 93 -7.44 -13.85 -0.27
C ALA B 93 -7.71 -13.03 0.97
N PRO B 94 -7.82 -13.71 2.10
CA PRO B 94 -8.17 -13.01 3.27
C PRO B 94 -6.99 -12.18 3.72
N PRO B 95 -7.30 -11.08 4.38
CA PRO B 95 -6.28 -10.16 4.83
C PRO B 95 -5.38 -10.79 5.91
N ASP B 96 -4.21 -10.22 6.12
CA ASP B 96 -3.29 -10.62 7.16
C ASP B 96 -3.67 -10.04 8.55
N PHE B 97 -4.31 -8.85 8.57
CA PHE B 97 -4.74 -8.20 9.76
C PHE B 97 -6.09 -7.54 9.54
N LEU B 98 -6.80 -7.41 10.64
CA LEU B 98 -8.12 -6.79 10.74
C LEU B 98 -8.14 -5.70 11.78
N ALA B 99 -8.79 -4.58 11.50
CA ALA B 99 -8.95 -3.49 12.46
C ALA B 99 -10.21 -2.78 12.21
N GLY B 100 -11.01 -2.65 13.26
CA GLY B 100 -12.31 -1.98 13.20
C GLY B 100 -12.39 -0.78 14.08
N HIS B 101 -12.90 0.31 13.54
CA HIS B 101 -12.85 1.62 14.22
C HIS B 101 -14.18 1.75 14.94
N CYS B 102 -14.15 1.67 16.26
CA CYS B 102 -15.31 1.87 17.05
C CYS B 102 -16.35 0.77 16.88
N LEU B 103 -17.55 1.07 16.38
CA LEU B 103 -18.52 0.04 16.13
C LEU B 103 -17.81 -1.02 15.20
N GLY B 104 -16.97 -0.57 14.28
CA GLY B 104 -16.34 -1.48 13.29
C GLY B 104 -15.51 -2.57 13.86
N GLU B 105 -15.18 -2.47 15.13
CA GLU B 105 -14.43 -3.58 15.76
C GLU B 105 -15.22 -4.88 15.71
N PHE B 106 -16.53 -4.78 15.80
CA PHE B 106 -17.39 -5.95 15.65
C PHE B 106 -17.27 -6.60 14.30
N SER B 107 -17.11 -5.78 13.26
CA SER B 107 -16.95 -6.33 11.88
C SER B 107 -15.60 -7.04 11.77
N ALA B 108 -14.59 -6.48 12.42
CA ALA B 108 -13.27 -7.13 12.40
C ALA B 108 -13.37 -8.49 13.10
N LEU B 109 -14.03 -8.53 14.26
CA LEU B 109 -14.27 -9.78 14.99
C LEU B 109 -15.05 -10.85 14.23
N PHE B 110 -15.98 -10.43 13.41
CA PHE B 110 -16.80 -11.34 12.59
C PHE B 110 -15.88 -11.87 11.51
N ALA B 111 -15.08 -10.98 10.95
CA ALA B 111 -14.16 -11.42 9.89
C ALA B 111 -13.14 -12.41 10.40
N ALA B 112 -12.73 -12.25 11.64
CA ALA B 112 -11.73 -13.14 12.26
C ALA B 112 -12.38 -14.43 12.78
N GLY B 113 -13.71 -14.57 12.64
CA GLY B 113 -14.34 -15.79 13.07
C GLY B 113 -14.48 -15.92 14.57
N VAL B 114 -14.59 -14.81 15.30
CA VAL B 114 -14.80 -14.87 16.73
C VAL B 114 -16.24 -15.26 16.97
N PHE B 115 -17.10 -14.79 16.06
CA PHE B 115 -18.53 -15.13 16.05
C PHE B 115 -19.05 -15.11 14.61
N ASP B 116 -20.17 -15.81 14.38
CA ASP B 116 -20.84 -15.89 13.08
C ASP B 116 -21.63 -14.59 12.78
N PHE B 117 -22.01 -14.40 11.50
CA PHE B 117 -22.70 -13.26 11.04
C PHE B 117 -23.83 -12.83 11.94
N GLU B 118 -24.79 -13.71 12.19
CA GLU B 118 -25.99 -13.45 12.97
C GLU B 118 -25.73 -13.21 14.43
N THR B 119 -24.76 -13.90 14.98
CA THR B 119 -24.41 -13.68 16.39
C THR B 119 -23.90 -12.28 16.60
N GLY B 120 -22.91 -11.87 15.81
CA GLY B 120 -22.41 -10.53 15.90
C GLY B 120 -23.53 -9.50 15.76
N LEU B 121 -24.46 -9.73 14.84
CA LEU B 121 -25.60 -8.78 14.65
C LEU B 121 -26.46 -8.71 15.91
N ALA B 122 -26.76 -9.84 16.52
CA ALA B 122 -27.44 -9.78 17.82
C ALA B 122 -26.69 -8.94 18.85
N LEU B 123 -25.36 -9.08 18.89
CA LEU B 123 -24.60 -8.34 19.89
C LEU B 123 -24.72 -6.83 19.68
N VAL B 124 -24.59 -6.46 18.42
CA VAL B 124 -24.62 -5.04 18.02
C VAL B 124 -26.03 -4.43 18.20
N LYS B 125 -27.05 -5.20 17.90
CA LYS B 125 -28.38 -4.80 18.20
C LYS B 125 -28.55 -4.42 19.66
N LYS B 126 -28.09 -5.26 20.57
CA LYS B 126 -28.22 -5.03 22.00
C LYS B 126 -27.37 -3.81 22.39
N ARG B 127 -26.19 -3.75 21.78
CA ARG B 127 -25.26 -2.69 22.05
C ARG B 127 -25.90 -1.37 21.69
N GLY B 128 -26.57 -1.31 20.54
CA GLY B 128 -27.18 -0.13 20.04
C GLY B 128 -28.37 0.22 20.89
N GLU B 129 -29.20 -0.76 21.27
CA GLU B 129 -30.32 -0.51 22.26
C GLU B 129 -29.83 0.02 23.62
N LEU B 130 -28.76 -0.55 24.16
CA LEU B 130 -28.21 0.00 25.39
C LEU B 130 -27.69 1.45 25.20
N MET B 131 -26.99 1.75 24.10
CA MET B 131 -26.48 3.10 23.92
C MET B 131 -27.59 4.09 23.63
N GLY B 132 -28.67 3.65 22.99
CA GLY B 132 -29.85 4.48 22.77
C GLY B 132 -30.51 4.96 24.06
N ASP B 133 -30.33 4.23 25.15
CA ASP B 133 -30.87 4.65 26.46
C ASP B 133 -30.06 5.73 27.14
N ALA B 134 -28.82 5.98 26.71
CA ALA B 134 -28.03 7.03 27.36
C ALA B 134 -28.64 8.40 27.17
N ARG B 135 -28.40 9.33 28.11
CA ARG B 135 -28.89 10.72 27.97
C ARG B 135 -27.77 11.74 28.08
N GLY B 136 -27.92 12.83 27.36
CA GLY B 136 -27.17 14.07 27.63
C GLY B 136 -25.69 14.19 27.22
N GLY B 137 -25.23 13.32 26.32
CA GLY B 137 -23.79 13.26 25.97
C GLY B 137 -23.44 13.88 24.64
N GLY B 138 -22.21 14.28 24.47
CA GLY B 138 -21.82 14.98 23.23
C GLY B 138 -20.39 14.60 22.91
N MET B 139 -19.95 14.98 21.73
CA MET B 139 -18.61 14.71 21.24
C MET B 139 -18.16 15.86 20.37
N ALA B 140 -16.84 16.06 20.30
CA ALA B 140 -16.27 17.07 19.44
C ALA B 140 -14.96 16.63 18.87
N ALA B 141 -14.75 16.95 17.58
CA ALA B 141 -13.51 16.56 16.90
C ALA B 141 -12.62 17.77 16.92
N VAL B 142 -11.41 17.60 17.42
CA VAL B 142 -10.38 18.64 17.57
C VAL B 142 -9.11 18.43 16.67
N ILE B 143 -8.87 19.39 15.79
CA ILE B 143 -7.67 19.33 14.93
C ILE B 143 -6.60 20.31 15.34
N GLY B 144 -5.38 19.87 15.56
CA GLY B 144 -4.31 20.80 15.74
C GLY B 144 -3.46 20.56 16.92
N LEU B 145 -3.99 19.86 17.94
CA LEU B 145 -3.34 19.76 19.23
C LEU B 145 -2.97 18.33 19.51
N ASP B 146 -1.89 18.06 20.24
CA ASP B 146 -1.64 16.67 20.63
C ASP B 146 -2.46 16.27 21.88
N GLU B 147 -2.49 14.98 22.16
CA GLU B 147 -3.28 14.44 23.22
C GLU B 147 -3.01 15.15 24.53
N GLU B 148 -1.74 15.20 24.93
CA GLU B 148 -1.36 15.80 26.18
C GLU B 148 -1.77 17.28 26.23
N ARG B 149 -1.85 17.90 25.07
CA ARG B 149 -2.25 19.28 25.03
C ARG B 149 -3.76 19.40 25.24
N VAL B 150 -4.50 18.57 24.50
CA VAL B 150 -5.93 18.50 24.69
C VAL B 150 -6.25 18.19 26.18
N ARG B 151 -5.49 17.27 26.79
CA ARG B 151 -5.79 16.84 28.14
C ARG B 151 -5.54 18.01 29.09
N GLU B 152 -4.45 18.71 28.85
CA GLU B 152 -4.14 19.87 29.65
C GLU B 152 -5.24 20.94 29.45
N LEU B 153 -5.61 21.26 28.24
CA LEU B 153 -6.66 22.27 28.02
C LEU B 153 -8.00 21.84 28.68
N LEU B 154 -8.34 20.55 28.61
CA LEU B 154 -9.55 20.12 29.31
C LEU B 154 -9.39 20.41 30.81
N ASP B 155 -8.27 19.97 31.39
CA ASP B 155 -8.11 20.15 32.88
C ASP B 155 -8.15 21.61 33.29
N GLN B 156 -7.41 22.41 32.53
CA GLN B 156 -7.36 23.82 32.79
C GLN B 156 -8.68 24.52 32.70
N ASN B 157 -9.59 23.99 31.87
CA ASN B 157 -10.92 24.59 31.77
C ASN B 157 -11.96 23.91 32.67
N GLY B 158 -11.50 23.05 33.53
CA GLY B 158 -12.37 22.46 34.51
C GLY B 158 -13.15 21.31 33.95
N ALA B 159 -12.75 20.82 32.78
CA ALA B 159 -13.49 19.72 32.10
C ALA B 159 -12.86 18.36 32.48
N THR B 160 -12.84 18.09 33.78
CA THR B 160 -12.26 16.84 34.30
C THR B 160 -13.10 15.63 33.95
N ALA B 161 -14.41 15.83 33.70
CA ALA B 161 -15.34 14.74 33.32
C ALA B 161 -15.56 14.63 31.80
N VAL B 162 -14.78 15.35 31.02
CA VAL B 162 -14.65 15.09 29.58
C VAL B 162 -13.44 14.19 29.31
N ASP B 163 -13.63 13.14 28.53
CA ASP B 163 -12.55 12.18 28.17
C ASP B 163 -12.09 12.38 26.72
N ILE B 164 -10.82 12.08 26.48
CA ILE B 164 -10.34 11.87 25.10
C ILE B 164 -10.78 10.49 24.61
N ALA B 165 -11.70 10.50 23.68
CA ALA B 165 -12.37 9.29 23.27
C ALA B 165 -11.77 8.62 22.04
N ASN B 166 -11.25 9.41 21.08
CA ASN B 166 -10.60 8.85 19.81
C ASN B 166 -9.25 9.59 19.66
N LEU B 167 -8.22 8.83 19.37
CA LEU B 167 -6.96 9.28 18.85
C LEU B 167 -6.87 8.71 17.41
N ASN B 168 -7.23 9.52 16.43
CA ASN B 168 -7.63 9.03 15.13
C ASN B 168 -6.58 9.27 14.06
N SER B 169 -5.81 10.35 14.21
CA SER B 169 -4.65 10.61 13.35
C SER B 169 -3.81 11.63 14.07
N PRO B 170 -2.61 11.91 13.57
CA PRO B 170 -1.67 12.81 14.29
C PRO B 170 -2.28 14.19 14.60
N SER B 171 -3.04 14.72 13.66
CA SER B 171 -3.82 15.92 13.90
C SER B 171 -4.93 15.76 14.96
N GLN B 172 -5.76 14.74 14.74
CA GLN B 172 -7.13 14.67 15.19
C GLN B 172 -7.45 13.77 16.44
N VAL B 173 -7.98 14.41 17.49
CA VAL B 173 -8.51 13.69 18.64
C VAL B 173 -9.99 14.01 18.77
N VAL B 174 -10.77 13.07 19.28
CA VAL B 174 -12.16 13.36 19.55
C VAL B 174 -12.34 13.33 21.09
N ILE B 175 -13.12 14.26 21.62
CA ILE B 175 -13.40 14.36 23.05
C ILE B 175 -14.86 14.06 23.26
N SER B 176 -15.19 13.64 24.48
CA SER B 176 -16.51 13.09 24.73
C SER B 176 -16.92 13.37 26.17
N GLY B 177 -18.15 13.82 26.36
CA GLY B 177 -18.66 14.03 27.73
C GLY B 177 -20.01 14.75 27.75
N ALA B 178 -20.26 15.55 28.77
CA ALA B 178 -21.55 16.27 28.88
C ALA B 178 -21.78 17.22 27.70
N LYS B 179 -23.02 17.26 27.21
CA LYS B 179 -23.29 17.91 25.90
C LYS B 179 -22.98 19.41 25.95
N ASP B 180 -23.31 20.02 27.07
CA ASP B 180 -23.11 21.46 27.29
C ASP B 180 -21.61 21.79 27.53
N GLU B 181 -20.90 20.89 28.18
CA GLU B 181 -19.51 21.12 28.41
C GLU B 181 -18.83 21.12 27.03
N ILE B 182 -19.28 20.21 26.17
CA ILE B 182 -18.70 20.05 24.86
C ILE B 182 -18.91 21.30 23.97
N ALA B 183 -20.09 21.89 24.07
CA ALA B 183 -20.40 23.09 23.25
C ALA B 183 -19.60 24.29 23.75
N ARG B 184 -19.58 24.41 25.07
CA ARG B 184 -18.85 25.43 25.76
C ARG B 184 -17.33 25.34 25.61
N LEU B 185 -16.73 24.17 25.37
CA LEU B 185 -15.28 24.14 25.22
C LEU B 185 -14.81 24.74 23.88
N GLN B 186 -15.76 25.01 22.99
CA GLN B 186 -15.43 25.34 21.62
C GLN B 186 -14.59 26.62 21.57
N VAL B 187 -15.05 27.65 22.27
CA VAL B 187 -14.37 28.95 22.18
C VAL B 187 -13.02 28.87 22.85
N PRO B 188 -12.96 28.30 24.05
CA PRO B 188 -11.59 28.25 24.55
C PRO B 188 -10.67 27.36 23.74
N PHE B 189 -11.16 26.26 23.15
CA PHE B 189 -10.27 25.51 22.28
C PHE B 189 -9.77 26.35 21.06
N GLU B 190 -10.66 27.10 20.40
CA GLU B 190 -10.20 27.97 19.22
C GLU B 190 -9.19 29.00 19.71
N ALA B 191 -9.47 29.59 20.86
CA ALA B 191 -8.58 30.52 21.54
C ALA B 191 -7.18 30.02 21.77
N ALA B 192 -7.05 28.76 22.17
CA ALA B 192 -5.72 28.21 22.40
C ALA B 192 -5.11 27.66 21.11
N GLY B 193 -5.78 27.82 19.99
CA GLY B 193 -5.18 27.55 18.70
C GLY B 193 -5.45 26.17 18.15
N ALA B 194 -6.63 25.64 18.44
CA ALA B 194 -7.16 24.52 17.66
C ALA B 194 -7.43 25.09 16.26
N LYS B 195 -6.95 24.42 15.22
CA LYS B 195 -7.27 24.84 13.85
C LYS B 195 -8.71 24.55 13.59
N LYS B 196 -9.28 23.59 14.29
CA LYS B 196 -10.73 23.44 14.19
C LYS B 196 -11.31 22.64 15.36
N TYR B 197 -12.57 22.89 15.68
CA TYR B 197 -13.29 22.27 16.75
C TYR B 197 -14.68 22.11 16.24
N THR B 198 -15.10 20.89 15.99
CA THR B 198 -16.43 20.68 15.46
C THR B 198 -17.22 19.83 16.42
N VAL B 199 -18.34 20.38 16.89
CA VAL B 199 -19.29 19.69 17.75
C VAL B 199 -19.98 18.72 16.87
N LEU B 200 -19.99 17.43 17.24
CA LEU B 200 -20.58 16.37 16.41
C LEU B 200 -22.01 16.08 16.79
N ARG B 201 -22.76 15.54 15.84
CA ARG B 201 -24.12 15.04 16.10
C ARG B 201 -24.05 13.60 16.55
N VAL B 202 -24.28 13.36 17.83
CA VAL B 202 -24.12 12.06 18.37
C VAL B 202 -25.24 11.76 19.30
N SER B 203 -25.56 10.47 19.46
CA SER B 203 -26.61 10.06 20.42
C SER B 203 -26.08 10.12 21.89
N ALA B 204 -24.77 9.99 22.09
CA ALA B 204 -24.26 9.83 23.47
C ALA B 204 -22.79 10.28 23.58
N ALA B 205 -22.23 10.22 24.80
CA ALA B 205 -20.87 10.58 24.99
C ALA B 205 -20.09 9.28 24.76
N PHE B 206 -19.97 8.86 23.50
CA PHE B 206 -19.42 7.51 23.19
C PHE B 206 -17.95 7.44 23.60
N HIS B 207 -17.48 6.28 24.05
CA HIS B 207 -16.08 6.10 24.45
C HIS B 207 -15.58 7.11 25.48
N SER B 208 -16.49 7.41 26.41
CA SER B 208 -16.24 8.11 27.62
C SER B 208 -16.67 7.23 28.79
N ARG B 209 -16.25 7.61 29.96
CA ARG B 209 -16.60 6.89 31.17
C ARG B 209 -18.10 6.94 31.46
N PHE B 210 -18.81 7.88 30.84
CA PHE B 210 -20.27 7.93 30.94
C PHE B 210 -20.95 6.72 30.30
N MET B 211 -20.24 5.96 29.47
CA MET B 211 -20.78 4.72 28.91
C MET B 211 -20.65 3.52 29.87
N ARG B 212 -20.12 3.70 31.06
CA ARG B 212 -20.09 2.59 32.05
C ARG B 212 -21.37 1.77 32.30
N PRO B 213 -22.54 2.41 32.45
CA PRO B 213 -23.70 1.54 32.63
C PRO B 213 -23.98 0.60 31.45
N ALA B 214 -23.84 1.12 30.21
CA ALA B 214 -24.01 0.28 29.08
C ALA B 214 -22.90 -0.81 29.04
N MET B 215 -21.69 -0.41 29.40
CA MET B 215 -20.58 -1.38 29.45
C MET B 215 -20.98 -2.57 30.37
N VAL B 216 -21.50 -2.26 31.52
CA VAL B 216 -21.87 -3.27 32.50
C VAL B 216 -22.97 -4.18 32.08
N GLU B 217 -24.04 -3.62 31.56
CA GLU B 217 -25.15 -4.40 31.03
C GLU B 217 -24.66 -5.23 29.89
N PHE B 218 -23.85 -4.63 29.02
CA PHE B 218 -23.38 -5.39 27.85
C PHE B 218 -22.55 -6.58 28.29
N GLY B 219 -21.68 -6.35 29.29
CA GLY B 219 -20.85 -7.46 29.81
C GLY B 219 -21.78 -8.60 30.31
N ARG B 220 -22.87 -8.23 30.99
CA ARG B 220 -23.78 -9.25 31.43
C ARG B 220 -24.43 -10.02 30.30
N PHE B 221 -24.88 -9.31 29.29
CA PHE B 221 -25.47 -9.95 28.10
C PHE B 221 -24.48 -10.95 27.42
N LEU B 222 -23.21 -10.59 27.36
CA LEU B 222 -22.24 -11.39 26.64
C LEU B 222 -22.02 -12.76 27.31
N GLU B 223 -22.49 -12.90 28.54
CA GLU B 223 -22.32 -14.14 29.30
C GLU B 223 -23.14 -15.28 28.69
N GLY B 224 -24.19 -14.96 27.96
CA GLY B 224 -24.95 -16.00 27.27
C GLY B 224 -24.34 -16.36 25.92
N TYR B 225 -23.13 -15.89 25.61
CA TYR B 225 -22.49 -16.20 24.31
C TYR B 225 -21.13 -16.80 24.49
N ASP B 226 -20.71 -17.62 23.54
CA ASP B 226 -19.36 -18.18 23.49
C ASP B 226 -18.61 -17.55 22.36
N PHE B 227 -17.33 -17.25 22.55
CA PHE B 227 -16.56 -16.56 21.52
C PHE B 227 -15.39 -17.45 21.21
N ALA B 228 -15.03 -17.54 19.94
CA ALA B 228 -13.82 -18.27 19.54
C ALA B 228 -12.68 -17.28 19.39
N PRO B 229 -11.49 -17.71 19.71
CA PRO B 229 -10.25 -16.95 19.44
C PRO B 229 -10.11 -16.57 17.98
N PRO B 230 -9.69 -15.34 17.74
CA PRO B 230 -9.62 -14.87 16.39
C PRO B 230 -8.67 -15.66 15.53
N LYS B 231 -9.09 -15.91 14.31
CA LYS B 231 -8.26 -16.79 13.49
C LYS B 231 -7.30 -15.98 12.58
N ILE B 232 -7.57 -14.68 12.48
CA ILE B 232 -6.71 -13.67 11.88
C ILE B 232 -6.64 -12.61 12.96
N PRO B 233 -5.44 -12.05 13.21
CA PRO B 233 -5.40 -11.08 14.29
C PRO B 233 -6.22 -9.80 14.08
N VAL B 234 -6.82 -9.39 15.17
CA VAL B 234 -7.64 -8.22 15.22
C VAL B 234 -6.95 -7.25 16.15
N ILE B 235 -6.66 -6.05 15.66
CA ILE B 235 -5.93 -5.06 16.45
C ILE B 235 -6.95 -4.35 17.28
N SER B 236 -6.92 -4.57 18.60
CA SER B 236 -7.86 -3.95 19.52
C SER B 236 -7.83 -2.37 19.56
N ASN B 237 -9.02 -1.72 19.58
CA ASN B 237 -9.11 -0.31 19.79
C ASN B 237 -8.44 0.08 21.17
N VAL B 238 -8.53 -0.78 22.18
CA VAL B 238 -8.16 -0.42 23.53
C VAL B 238 -6.65 -0.46 23.68
N THR B 239 -6.00 -1.54 23.20
CA THR B 239 -4.59 -1.75 23.42
C THR B 239 -3.73 -1.35 22.23
N ALA B 240 -4.33 -1.20 21.04
CA ALA B 240 -3.54 -1.08 19.82
C ALA B 240 -2.66 -2.23 19.47
N ARG B 241 -3.05 -3.40 19.98
CA ARG B 241 -2.32 -4.64 19.73
C ARG B 241 -3.31 -5.77 19.46
N PRO B 242 -2.81 -6.90 18.94
CA PRO B 242 -3.71 -8.01 18.65
C PRO B 242 -4.55 -8.41 19.85
N CYS B 243 -5.85 -8.61 19.63
CA CYS B 243 -6.74 -9.10 20.68
C CYS B 243 -6.21 -10.49 21.19
N LYS B 244 -6.25 -10.75 22.49
CA LYS B 244 -5.78 -12.07 23.02
C LYS B 244 -6.82 -13.15 22.77
N ALA B 245 -6.37 -14.40 22.86
CA ALA B 245 -7.19 -15.54 22.55
C ALA B 245 -8.25 -15.73 23.62
N ASP B 246 -8.04 -15.27 24.84
CA ASP B 246 -9.18 -15.31 25.77
C ASP B 246 -9.38 -14.01 26.53
N GLY B 247 -10.32 -14.02 27.48
CA GLY B 247 -10.93 -12.78 27.97
C GLY B 247 -11.59 -11.86 26.94
N ILE B 248 -12.09 -12.43 25.84
CA ILE B 248 -12.64 -11.63 24.77
C ILE B 248 -13.92 -10.89 25.22
N ARG B 249 -14.76 -11.53 26.01
CA ARG B 249 -15.99 -10.85 26.40
C ARG B 249 -15.71 -9.60 27.22
N ALA B 250 -14.80 -9.70 28.18
CA ALA B 250 -14.48 -8.55 29.03
C ALA B 250 -13.85 -7.42 28.21
N ALA B 251 -13.01 -7.80 27.26
CA ALA B 251 -12.35 -6.85 26.40
C ALA B 251 -13.35 -6.13 25.52
N LEU B 252 -14.22 -6.89 24.87
CA LEU B 252 -15.28 -6.31 24.07
C LEU B 252 -16.20 -5.32 24.86
N SER B 253 -16.54 -5.68 26.11
CA SER B 253 -17.41 -4.82 26.90
C SER B 253 -16.61 -3.56 27.35
N GLU B 254 -15.37 -3.76 27.76
CA GLU B 254 -14.51 -2.62 28.18
C GLU B 254 -14.26 -1.64 27.00
N GLN B 255 -14.20 -2.14 25.74
CA GLN B 255 -14.00 -1.23 24.58
C GLN B 255 -15.03 -0.06 24.59
N ILE B 256 -16.27 -0.33 25.03
CA ILE B 256 -17.34 0.66 25.02
C ILE B 256 -16.97 1.97 25.69
N ALA B 257 -16.32 1.85 26.85
CA ALA B 257 -16.09 2.98 27.73
C ALA B 257 -14.65 3.46 27.72
N SER B 258 -13.86 2.95 26.78
CA SER B 258 -12.46 3.23 26.65
C SER B 258 -12.10 4.03 25.42
N PRO B 259 -11.00 4.74 25.53
CA PRO B 259 -10.50 5.44 24.34
C PRO B 259 -10.09 4.45 23.24
N VAL B 260 -10.32 4.89 22.00
CA VAL B 260 -9.94 4.19 20.74
C VAL B 260 -8.63 4.72 20.20
N ARG B 261 -7.60 3.92 20.40
CA ARG B 261 -6.26 4.21 19.93
C ARG B 261 -6.00 3.83 18.43
N TRP B 262 -6.66 4.54 17.56
CA TRP B 262 -6.72 4.16 16.16
C TRP B 262 -5.40 4.49 15.48
N CYS B 263 -4.92 5.71 15.73
CA CYS B 263 -3.68 6.14 15.08
C CYS B 263 -2.59 5.14 15.45
N GLU B 264 -2.48 4.75 16.72
CA GLU B 264 -1.41 3.80 17.11
C GLU B 264 -1.65 2.43 16.55
N SER B 265 -2.93 2.08 16.37
CA SER B 265 -3.27 0.78 15.78
C SER B 265 -2.73 0.70 14.33
N ILE B 266 -2.96 1.78 13.59
CA ILE B 266 -2.46 1.83 12.19
C ILE B 266 -0.93 1.87 12.12
N ARG B 267 -0.31 2.71 12.92
CA ARG B 267 1.17 2.70 13.04
C ARG B 267 1.70 1.34 13.41
N TYR B 268 1.06 0.66 14.38
CA TYR B 268 1.49 -0.71 14.69
C TYR B 268 1.49 -1.64 13.44
N LEU B 269 0.39 -1.60 12.66
CA LEU B 269 0.21 -2.42 11.48
C LEU B 269 1.28 -2.03 10.47
N MET B 270 1.59 -0.75 10.32
CA MET B 270 2.70 -0.36 9.44
C MET B 270 4.02 -0.96 9.94
N GLY B 271 4.28 -0.87 11.24
CA GLY B 271 5.52 -1.50 11.78
C GLY B 271 5.54 -3.02 11.57
N ARG B 272 4.38 -3.66 11.51
CA ARG B 272 4.31 -5.08 11.37
C ARG B 272 4.47 -5.51 9.88
N GLY B 273 4.65 -4.54 8.97
CA GLY B 273 4.88 -4.87 7.59
C GLY B 273 3.73 -4.70 6.64
N VAL B 274 2.57 -4.23 7.11
CA VAL B 274 1.38 -4.14 6.23
C VAL B 274 1.65 -3.12 5.14
N GLU B 275 1.40 -3.56 3.92
CA GLU B 275 1.72 -2.78 2.79
C GLU B 275 0.49 -2.09 2.20
N GLU B 276 -0.66 -2.75 2.22
CA GLU B 276 -1.97 -2.16 1.73
C GLU B 276 -3.04 -2.18 2.78
N PHE B 277 -3.76 -1.05 2.90
CA PHE B 277 -4.86 -0.93 3.82
C PHE B 277 -6.13 -0.70 3.01
N VAL B 278 -7.15 -1.52 3.24
CA VAL B 278 -8.35 -1.53 2.47
C VAL B 278 -9.52 -1.21 3.44
N GLU B 279 -10.24 -0.14 3.14
CA GLU B 279 -11.48 0.21 3.84
C GLU B 279 -12.61 -0.66 3.35
N CYS B 280 -13.15 -1.47 4.24
CA CYS B 280 -14.13 -2.45 3.92
C CYS B 280 -15.48 -2.05 4.58
N GLY B 281 -16.35 -1.45 3.75
CA GLY B 281 -17.64 -0.89 4.29
C GLY B 281 -17.97 0.35 3.46
N HIS B 282 -19.03 1.05 3.83
CA HIS B 282 -19.44 2.30 3.15
C HIS B 282 -18.49 3.48 3.47
N GLY B 283 -18.10 4.27 2.46
CA GLY B 283 -17.49 5.57 2.77
C GLY B 283 -15.96 5.52 2.70
N ILE B 284 -15.33 6.64 2.95
CA ILE B 284 -13.88 6.76 2.78
C ILE B 284 -13.29 7.42 4.05
N VAL B 285 -13.98 7.34 5.18
CA VAL B 285 -13.47 7.96 6.39
C VAL B 285 -12.11 7.34 6.88
N LEU B 286 -12.05 6.03 7.02
CA LEU B 286 -10.80 5.36 7.46
C LEU B 286 -9.66 5.47 6.40
N THR B 287 -10.08 5.52 5.14
CA THR B 287 -9.17 5.76 4.05
C THR B 287 -8.38 7.10 4.21
N GLY B 288 -9.13 8.17 4.52
CA GLY B 288 -8.55 9.47 4.82
C GLY B 288 -7.66 9.51 6.06
N LEU B 289 -8.10 8.85 7.13
CA LEU B 289 -7.25 8.74 8.33
C LEU B 289 -6.00 8.02 8.07
N TYR B 290 -6.08 6.94 7.27
CA TYR B 290 -4.89 6.17 6.97
C TYR B 290 -3.89 7.05 6.20
N ALA B 291 -4.37 7.77 5.16
CA ALA B 291 -3.52 8.68 4.39
C ALA B 291 -2.83 9.69 5.32
N GLN B 292 -3.60 10.26 6.24
CA GLN B 292 -3.01 11.18 7.21
C GLN B 292 -1.87 10.54 8.04
N ILE B 293 -2.11 9.34 8.53
CA ILE B 293 -1.16 8.69 9.41
C ILE B 293 0.05 8.31 8.56
N ARG B 294 -0.18 7.73 7.42
CA ARG B 294 0.94 7.36 6.53
C ARG B 294 1.78 8.60 6.11
N ARG B 295 1.12 9.69 5.71
CA ARG B 295 1.81 10.90 5.16
C ARG B 295 2.69 11.47 6.27
N ASP B 296 2.12 11.47 7.47
CA ASP B 296 2.84 12.01 8.63
C ASP B 296 4.16 11.30 8.86
N ALA B 297 4.19 10.02 8.55
CA ALA B 297 5.35 9.17 8.84
C ALA B 297 6.33 9.15 7.63
N GLN B 298 6.04 9.93 6.61
CA GLN B 298 6.77 9.92 5.34
C GLN B 298 7.21 11.34 4.92
N PRO B 299 8.54 11.63 4.92
CA PRO B 299 8.92 13.02 4.54
C PRO B 299 8.52 13.44 3.11
N LEU B 300 8.12 14.71 2.94
CA LEU B 300 7.72 15.18 1.60
C LEU B 300 9.01 15.25 0.81
N VAL B 301 8.91 15.24 -0.52
CA VAL B 301 10.08 15.32 -1.41
C VAL B 301 10.37 16.78 -1.71
N ASP C 11 1.03 -20.10 25.06
CA ASP C 11 1.18 -19.25 23.85
C ASP C 11 2.63 -18.79 23.76
N GLY C 12 3.18 -18.35 24.91
CA GLY C 12 4.59 -17.98 25.02
C GLY C 12 5.56 -19.04 24.53
N ARG C 13 5.41 -20.28 24.99
CA ARG C 13 6.33 -21.38 24.62
C ARG C 13 6.02 -21.86 23.18
N ARG C 14 4.80 -21.64 22.73
CA ARG C 14 4.46 -22.05 21.41
C ARG C 14 5.20 -21.20 20.33
N ILE C 15 5.28 -19.90 20.55
CA ILE C 15 6.14 -19.01 19.78
C ILE C 15 7.59 -19.54 19.72
N ALA C 16 8.10 -20.01 20.85
CA ALA C 16 9.50 -20.50 20.89
C ALA C 16 9.67 -21.79 20.05
N ARG C 17 8.66 -22.67 19.98
CA ARG C 17 8.77 -23.82 19.06
C ARG C 17 8.72 -23.42 17.61
N ILE C 18 7.91 -22.38 17.31
CA ILE C 18 7.82 -21.98 15.92
C ILE C 18 9.17 -21.38 15.52
N GLU C 19 9.77 -20.62 16.41
CA GLU C 19 11.12 -20.10 16.19
C GLU C 19 12.13 -21.22 15.87
N GLU C 20 12.12 -22.30 16.66
CA GLU C 20 12.98 -23.50 16.44
C GLU C 20 12.73 -24.15 15.05
N ASP C 21 11.47 -24.37 14.70
CA ASP C 21 11.06 -24.94 13.39
C ASP C 21 11.67 -24.10 12.23
N LEU C 22 11.57 -22.76 12.37
CA LEU C 22 12.13 -21.85 11.38
C LEU C 22 13.69 -21.90 11.35
N ARG C 23 14.33 -22.03 12.50
CA ARG C 23 15.78 -22.35 12.53
C ARG C 23 16.14 -23.59 11.73
N ARG C 24 15.34 -24.64 11.79
CA ARG C 24 15.64 -25.81 10.99
C ARG C 24 15.47 -25.56 9.51
N LEU C 25 14.42 -24.83 9.13
CA LEU C 25 14.15 -24.57 7.72
C LEU C 25 15.25 -23.74 7.11
N VAL C 26 15.68 -22.72 7.85
CA VAL C 26 16.72 -21.80 7.38
C VAL C 26 18.08 -22.55 7.35
N SER C 27 18.44 -23.14 8.49
CA SER C 27 19.81 -23.67 8.67
C SER C 27 20.09 -24.75 7.65
N ALA C 28 19.09 -25.58 7.39
CA ALA C 28 19.04 -26.45 6.22
C ALA C 28 19.18 -25.66 4.90
N ARG C 29 19.79 -24.46 4.98
CA ARG C 29 20.31 -23.75 3.83
C ARG C 29 21.41 -22.80 4.35
N VAL C 37 22.07 -20.29 14.46
CA VAL C 37 21.18 -19.30 13.79
C VAL C 37 20.50 -18.39 14.80
N ASP C 38 20.95 -17.15 14.79
CA ASP C 38 20.43 -16.09 15.63
C ASP C 38 19.01 -15.75 15.08
N ALA C 39 18.03 -15.77 15.95
CA ALA C 39 16.65 -15.49 15.54
C ALA C 39 16.42 -14.03 15.18
N GLU C 40 17.41 -13.17 15.46
CA GLU C 40 17.30 -11.77 15.17
C GLU C 40 18.17 -11.33 14.03
N GLU C 41 18.84 -12.23 13.35
CA GLU C 41 19.71 -11.84 12.29
C GLU C 41 18.88 -11.86 10.99
N SER C 42 19.17 -10.92 10.10
CA SER C 42 18.40 -10.76 8.87
C SER C 42 18.67 -11.95 7.97
N PHE C 43 17.67 -12.37 7.22
CA PHE C 43 17.85 -13.50 6.35
C PHE C 43 18.97 -13.25 5.36
N PHE C 44 19.03 -12.07 4.76
CA PHE C 44 20.15 -11.71 3.86
C PHE C 44 21.53 -11.80 4.51
N SER C 45 21.62 -11.36 5.76
CA SER C 45 22.89 -11.46 6.49
C SER C 45 23.23 -12.92 6.75
N LEU C 46 22.25 -13.80 6.77
CA LEU C 46 22.56 -15.21 6.83
C LEU C 46 22.79 -15.76 5.42
N GLY C 47 22.70 -14.93 4.39
CA GLY C 47 23.06 -15.35 3.05
C GLY C 47 21.90 -15.97 2.28
N VAL C 48 20.68 -15.80 2.81
CA VAL C 48 19.52 -16.39 2.21
C VAL C 48 19.05 -15.37 1.20
N ASP C 49 19.03 -15.69 -0.10
CA ASP C 49 18.64 -14.65 -1.11
C ASP C 49 17.18 -14.71 -1.58
N SER C 50 16.79 -13.84 -2.49
CA SER C 50 15.37 -13.67 -2.85
C SER C 50 14.79 -15.04 -3.26
N VAL C 51 15.63 -15.84 -3.94
CA VAL C 51 15.22 -17.17 -4.44
C VAL C 51 14.93 -18.15 -3.31
N ALA C 52 15.91 -18.35 -2.43
CA ALA C 52 15.67 -19.14 -1.20
C ALA C 52 14.47 -18.62 -0.31
N LEU C 53 14.27 -17.29 -0.19
CA LEU C 53 13.11 -16.78 0.56
C LEU C 53 11.77 -17.23 -0.04
N GLN C 54 11.62 -17.16 -1.38
CA GLN C 54 10.36 -17.61 -1.96
C GLN C 54 10.14 -19.12 -1.73
N GLU C 55 11.23 -19.87 -1.75
CA GLU C 55 11.18 -21.33 -1.58
C GLU C 55 10.72 -21.72 -0.22
N ILE C 56 11.36 -21.17 0.80
CA ILE C 56 10.84 -21.29 2.23
C ILE C 56 9.42 -20.84 2.35
N THR C 57 9.11 -19.76 1.66
CA THR C 57 7.77 -19.22 1.73
C THR C 57 6.80 -20.32 1.27
N GLU C 58 7.14 -21.02 0.15
CA GLU C 58 6.28 -22.10 -0.41
C GLU C 58 6.14 -23.24 0.60
N THR C 59 7.23 -23.48 1.31
CA THR C 59 7.20 -24.51 2.36
C THR C 59 6.12 -24.18 3.38
N LEU C 60 6.16 -22.96 3.90
CA LEU C 60 5.20 -22.53 4.89
C LEU C 60 3.76 -22.58 4.35
N GLU C 61 3.58 -22.33 3.06
CA GLU C 61 2.28 -22.40 2.43
C GLU C 61 1.60 -23.77 2.59
N ARG C 62 2.39 -24.85 2.66
CA ARG C 62 1.87 -26.18 2.99
C ARG C 62 0.94 -26.16 4.19
N THR C 63 1.35 -25.44 5.22
CA THR C 63 0.65 -25.41 6.47
C THR C 63 -0.32 -24.25 6.52
N TYR C 64 0.11 -23.09 6.04
CA TYR C 64 -0.67 -21.87 6.22
C TYR C 64 -1.54 -21.52 5.03
N GLY C 65 -1.38 -22.20 3.91
CA GLY C 65 -2.05 -21.78 2.72
C GLY C 65 -1.27 -20.65 2.10
N SER C 66 -1.86 -20.00 1.13
CA SER C 66 -1.12 -19.05 0.30
C SER C 66 -0.70 -17.81 1.11
N LEU C 67 0.58 -17.46 0.99
CA LEU C 67 1.16 -16.33 1.77
C LEU C 67 1.63 -15.21 0.82
N PRO C 68 1.64 -13.96 1.28
CA PRO C 68 2.20 -12.90 0.43
C PRO C 68 3.70 -13.11 0.12
N PRO C 69 4.11 -12.97 -1.14
CA PRO C 69 5.51 -13.15 -1.42
C PRO C 69 6.40 -12.14 -0.72
N THR C 70 5.85 -11.05 -0.20
CA THR C 70 6.60 -10.07 0.58
C THR C 70 6.88 -10.46 2.05
N LEU C 71 6.31 -11.57 2.50
CA LEU C 71 6.24 -11.95 3.93
C LEU C 71 7.60 -11.95 4.57
N LEU C 72 8.56 -12.62 3.93
CA LEU C 72 9.92 -12.73 4.53
C LEU C 72 10.83 -11.54 4.28
N PHE C 73 10.37 -10.59 3.47
CA PHE C 73 10.97 -9.26 3.44
C PHE C 73 10.42 -8.29 4.51
N GLU C 74 9.11 -8.33 4.78
CA GLU C 74 8.51 -7.51 5.84
C GLU C 74 8.72 -8.10 7.24
N ASN C 75 9.04 -9.39 7.30
CA ASN C 75 9.38 -10.08 8.56
C ASN C 75 10.76 -10.66 8.31
N PRO C 76 11.76 -9.81 8.40
CA PRO C 76 13.08 -10.07 7.88
C PRO C 76 14.01 -10.97 8.75
N ASN C 77 13.53 -11.52 9.85
CA ASN C 77 14.31 -12.47 10.70
C ASN C 77 13.31 -13.45 11.28
N ILE C 78 13.86 -14.49 11.89
CA ILE C 78 13.05 -15.57 12.45
C ILE C 78 12.11 -15.10 13.50
N ARG C 79 12.55 -14.20 14.37
CA ARG C 79 11.70 -13.67 15.43
C ARG C 79 10.41 -12.99 14.91
N GLN C 80 10.55 -12.20 13.85
CA GLN C 80 9.43 -11.42 13.36
C GLN C 80 8.53 -12.37 12.60
N LEU C 81 9.14 -13.23 11.80
CA LEU C 81 8.37 -14.23 11.06
C LEU C 81 7.56 -15.15 11.99
N ALA C 82 8.20 -15.65 13.07
CA ALA C 82 7.47 -16.50 14.02
C ALA C 82 6.32 -15.77 14.67
N ARG C 83 6.49 -14.48 14.94
CA ARG C 83 5.41 -13.69 15.52
C ARG C 83 4.17 -13.65 14.58
N TYR C 84 4.42 -13.34 13.30
CA TYR C 84 3.39 -13.46 12.21
C TYR C 84 2.73 -14.82 12.17
N LEU C 85 3.53 -15.90 12.12
CA LEU C 85 2.92 -17.19 12.00
C LEU C 85 2.16 -17.67 13.25
N ALA C 86 2.60 -17.28 14.46
CA ALA C 86 1.95 -17.72 15.71
C ALA C 86 0.56 -17.08 15.96
N GLU C 87 0.29 -15.91 15.40
CA GLU C 87 -0.90 -15.14 15.74
C GLU C 87 -2.09 -15.44 14.82
N ARG C 88 -2.04 -16.50 14.06
CA ARG C 88 -3.08 -16.82 13.16
C ARG C 88 -3.15 -18.37 13.08
N VAL C 89 -4.30 -18.86 12.69
CA VAL C 89 -4.59 -20.30 12.61
C VAL C 89 -4.28 -20.78 11.15
N PRO C 90 -3.49 -21.85 10.96
CA PRO C 90 -3.24 -22.42 9.62
C PRO C 90 -4.49 -22.77 8.78
N ASP D 11 6.56 26.21 -18.53
CA ASP D 11 6.00 25.06 -17.71
C ASP D 11 5.91 25.41 -16.25
N GLY D 12 6.92 26.11 -15.75
CA GLY D 12 6.93 26.58 -14.37
C GLY D 12 5.87 27.65 -14.12
N ARG D 13 5.43 28.25 -15.21
CA ARG D 13 4.43 29.29 -15.20
C ARG D 13 3.03 28.61 -15.16
N ARG D 14 2.88 27.45 -15.78
CA ARG D 14 1.64 26.68 -15.73
C ARG D 14 1.36 26.17 -14.31
N ILE D 15 2.45 25.77 -13.67
CA ILE D 15 2.40 25.38 -12.24
C ILE D 15 1.92 26.56 -11.40
N ALA D 16 2.38 27.77 -11.67
CA ALA D 16 1.88 28.94 -10.89
C ALA D 16 0.39 29.17 -11.06
N ARG D 17 -0.09 29.02 -12.30
CA ARG D 17 -1.51 29.17 -12.58
C ARG D 17 -2.34 28.14 -11.85
N ILE D 18 -1.90 26.86 -11.84
CA ILE D 18 -2.62 25.84 -11.08
C ILE D 18 -2.61 26.17 -9.55
N GLU D 19 -1.45 26.58 -9.03
CA GLU D 19 -1.37 27.05 -7.64
C GLU D 19 -2.33 28.18 -7.35
N GLU D 20 -2.41 29.16 -8.25
CA GLU D 20 -3.31 30.32 -8.02
C GLU D 20 -4.74 29.87 -8.04
N ASP D 21 -5.10 28.99 -8.96
CA ASP D 21 -6.46 28.44 -8.98
C ASP D 21 -6.80 27.77 -7.68
N LEU D 22 -5.86 26.96 -7.18
CA LEU D 22 -6.07 26.27 -5.96
C LEU D 22 -6.21 27.23 -4.80
N ARG D 23 -5.39 28.24 -4.72
CA ARG D 23 -5.62 29.32 -3.73
C ARG D 23 -7.06 29.82 -3.71
N ARG D 24 -7.69 29.87 -4.87
CA ARG D 24 -9.03 30.43 -4.95
C ARG D 24 -10.11 29.47 -4.47
N LEU D 25 -9.96 28.18 -4.72
CA LEU D 25 -10.89 27.17 -4.16
C LEU D 25 -10.74 27.06 -2.67
N VAL D 26 -9.51 27.16 -2.21
CA VAL D 26 -9.26 27.18 -0.78
C VAL D 26 -9.71 28.54 -0.17
N SER D 27 -9.15 29.67 -0.63
CA SER D 27 -9.59 30.99 -0.11
C SER D 27 -11.12 31.17 -0.16
N ALA D 28 -11.78 30.60 -1.18
CA ALA D 28 -13.25 30.60 -1.22
C ALA D 28 -13.86 29.60 -0.24
N ARG D 29 -13.06 29.13 0.73
CA ARG D 29 -13.57 28.34 1.86
C ARG D 29 -12.62 28.47 3.04
N VAL D 37 -3.37 33.17 1.68
CA VAL D 37 -3.26 31.69 1.61
C VAL D 37 -1.89 31.27 1.11
N ASP D 38 -1.04 30.88 2.05
CA ASP D 38 0.30 30.39 1.77
C ASP D 38 0.29 28.94 1.17
N ALA D 39 0.92 28.78 0.01
CA ALA D 39 0.85 27.55 -0.78
C ALA D 39 1.59 26.40 -0.07
N GLU D 40 2.36 26.76 0.97
CA GLU D 40 3.02 25.75 1.75
C GLU D 40 2.38 25.44 3.06
N GLU D 41 1.27 26.08 3.39
CA GLU D 41 0.66 25.84 4.68
C GLU D 41 -0.29 24.65 4.55
N SER D 42 -0.22 23.71 5.49
CA SER D 42 -1.06 22.54 5.40
C SER D 42 -2.53 22.93 5.38
N PHE D 43 -3.32 22.13 4.68
CA PHE D 43 -4.76 22.34 4.64
C PHE D 43 -5.38 22.32 6.04
N PHE D 44 -4.95 21.41 6.90
CA PHE D 44 -5.48 21.34 8.27
C PHE D 44 -5.10 22.59 9.05
N SER D 45 -3.87 23.07 8.86
CA SER D 45 -3.42 24.32 9.40
C SER D 45 -4.24 25.50 8.89
N LEU D 46 -4.78 25.42 7.68
CA LEU D 46 -5.72 26.43 7.20
C LEU D 46 -7.13 26.19 7.81
N GLY D 47 -7.28 25.14 8.61
CA GLY D 47 -8.58 24.80 9.18
C GLY D 47 -9.57 24.10 8.24
N VAL D 48 -9.08 23.59 7.10
CA VAL D 48 -9.91 22.92 6.10
C VAL D 48 -9.94 21.45 6.49
N ASP D 49 -11.13 20.87 6.74
CA ASP D 49 -11.18 19.48 7.32
C ASP D 49 -11.51 18.36 6.31
N SER D 50 -11.71 17.13 6.80
CA SER D 50 -11.84 15.96 5.91
C SER D 50 -13.09 16.09 5.02
N VAL D 51 -14.13 16.72 5.56
CA VAL D 51 -15.33 16.96 4.79
C VAL D 51 -15.07 17.98 3.66
N ALA D 52 -14.42 19.13 3.94
CA ALA D 52 -14.17 20.14 2.89
C ALA D 52 -13.11 19.63 1.87
N LEU D 53 -12.05 18.97 2.31
CA LEU D 53 -11.11 18.32 1.34
C LEU D 53 -11.83 17.41 0.33
N GLN D 54 -12.67 16.51 0.84
CA GLN D 54 -13.53 15.65 -0.04
C GLN D 54 -14.29 16.46 -1.07
N GLU D 55 -14.82 17.62 -0.66
CA GLU D 55 -15.55 18.52 -1.57
C GLU D 55 -14.66 19.15 -2.64
N ILE D 56 -13.50 19.65 -2.22
CA ILE D 56 -12.50 20.24 -3.12
C ILE D 56 -12.06 19.21 -4.13
N THR D 57 -11.95 17.96 -3.68
CA THR D 57 -11.43 16.85 -4.51
C THR D 57 -12.46 16.59 -5.63
N GLU D 58 -13.74 16.56 -5.28
CA GLU D 58 -14.82 16.44 -6.27
C GLU D 58 -14.81 17.61 -7.25
N THR D 59 -14.54 18.82 -6.76
CA THR D 59 -14.48 19.99 -7.70
C THR D 59 -13.36 19.75 -8.74
N LEU D 60 -12.16 19.38 -8.27
CA LEU D 60 -11.06 19.06 -9.18
C LEU D 60 -11.39 17.96 -10.19
N GLU D 61 -12.10 16.91 -9.74
CA GLU D 61 -12.53 15.79 -10.63
C GLU D 61 -13.25 16.31 -11.88
N ARG D 62 -13.96 17.41 -11.73
CA ARG D 62 -14.67 17.98 -12.87
C ARG D 62 -13.66 18.35 -13.96
N THR D 63 -12.38 18.58 -13.60
CA THR D 63 -11.35 18.96 -14.59
C THR D 63 -10.40 17.81 -14.94
N TYR D 64 -10.01 17.00 -13.96
CA TYR D 64 -8.95 15.98 -14.19
C TYR D 64 -9.53 14.58 -14.20
N GLY D 65 -10.83 14.47 -13.98
CA GLY D 65 -11.46 13.18 -13.86
C GLY D 65 -11.32 12.61 -12.48
N SER D 66 -11.63 11.33 -12.36
CA SER D 66 -11.54 10.59 -11.16
C SER D 66 -10.16 10.65 -10.46
N LEU D 67 -10.18 11.10 -9.19
CA LEU D 67 -9.01 11.29 -8.36
C LEU D 67 -9.03 10.37 -7.12
N PRO D 68 -7.85 9.94 -6.63
CA PRO D 68 -7.92 9.19 -5.36
C PRO D 68 -8.45 10.05 -4.19
N PRO D 69 -9.30 9.46 -3.34
CA PRO D 69 -9.89 10.24 -2.26
C PRO D 69 -8.77 10.60 -1.21
N THR D 70 -7.64 9.94 -1.31
CA THR D 70 -6.44 10.30 -0.47
C THR D 70 -5.59 11.47 -0.96
N LEU D 71 -5.93 12.03 -2.12
CA LEU D 71 -5.03 12.95 -2.81
C LEU D 71 -4.58 14.09 -1.94
N LEU D 72 -5.59 14.79 -1.33
CA LEU D 72 -5.33 16.00 -0.63
C LEU D 72 -4.81 15.70 0.80
N PHE D 73 -4.68 14.44 1.15
CA PHE D 73 -4.01 14.09 2.41
C PHE D 73 -2.54 13.75 2.11
N GLU D 74 -2.34 13.10 0.96
CA GLU D 74 -1.02 12.79 0.51
C GLU D 74 -0.35 14.05 -0.07
N ASN D 75 -1.14 15.05 -0.50
CA ASN D 75 -0.56 16.28 -1.00
C ASN D 75 -1.17 17.32 -0.14
N PRO D 76 -0.66 17.47 1.11
CA PRO D 76 -1.38 18.17 2.20
C PRO D 76 -1.29 19.66 2.10
N ASN D 77 -0.83 20.21 0.97
CA ASN D 77 -0.80 21.66 0.76
C ASN D 77 -0.87 21.99 -0.72
N ILE D 78 -1.03 23.26 -1.00
CA ILE D 78 -1.33 23.70 -2.35
C ILE D 78 -0.12 23.43 -3.26
N ARG D 79 1.07 23.71 -2.78
CA ARG D 79 2.26 23.42 -3.58
C ARG D 79 2.41 21.93 -3.95
N GLN D 80 2.24 21.02 -3.02
CA GLN D 80 2.38 19.58 -3.37
C GLN D 80 1.25 19.18 -4.26
N LEU D 81 0.07 19.74 -3.99
CA LEU D 81 -1.12 19.39 -4.83
C LEU D 81 -0.95 19.87 -6.30
N ALA D 82 -0.49 21.11 -6.47
CA ALA D 82 -0.22 21.64 -7.85
C ALA D 82 0.81 20.79 -8.59
N ARG D 83 1.84 20.33 -7.90
CA ARG D 83 2.87 19.45 -8.57
C ARG D 83 2.21 18.16 -9.08
N TYR D 84 1.27 17.59 -8.32
CA TYR D 84 0.56 16.41 -8.74
C TYR D 84 -0.34 16.72 -9.97
N LEU D 85 -1.12 17.77 -9.89
CA LEU D 85 -1.96 18.15 -11.05
C LEU D 85 -1.20 18.52 -12.33
N ALA D 86 -0.06 19.20 -12.19
CA ALA D 86 0.62 19.74 -13.34
C ALA D 86 1.29 18.63 -14.14
N GLU D 87 1.64 17.52 -13.51
CA GLU D 87 2.55 16.54 -14.14
C GLU D 87 1.80 15.52 -14.97
N ARG D 88 0.49 15.73 -15.12
CA ARG D 88 -0.50 14.76 -15.55
C ARG D 88 -1.49 15.40 -16.62
N VAL D 89 -1.98 14.65 -17.59
CA VAL D 89 -3.07 15.23 -18.43
C VAL D 89 -4.45 15.09 -17.83
N PRO D 90 -5.28 16.14 -17.89
CA PRO D 90 -6.71 15.97 -17.57
C PRO D 90 -7.46 15.17 -18.62
#